data_6K34
#
_entry.id   6K34
#
_cell.length_a   64.575
_cell.length_b   159.539
_cell.length_c   71.132
_cell.angle_alpha   90.00
_cell.angle_beta   105.09
_cell.angle_gamma   90.00
#
_symmetry.space_group_name_H-M   'P 1 21 1'
#
loop_
_entity.id
_entity.type
_entity.pdbx_description
1 polymer Lipase
2 water water
#
_entity_poly.entity_id   1
_entity_poly.type   'polypeptide(L)'
_entity_poly.pdbx_seq_one_letter_code
;MNHKVHHHHHHMPDSGTDRPALDAILEKVLEAVPFQLTMDGGPDAARERFRALPRREVHPELRAEDRIVEGVPVRIYWPP
ESSQTPPVLLFFHGGGWVVGDLDSYDGTARAHAAGVGAVVVSVDYRLAPEHPYPAAVEDVWAVTRWVAAHAAELGADPAR
IAVAGDSAGGNLAAVVALLARDAGVRLRAQLLWYPATTWDTSLASFTENADAPILGRRAVGSFSTLYAADIDLSDPPATL
VPARAATLAGVAPAYIAVAGYDPLRDDGIRYAELLAADGVPAQVHNADTLVHGYLGYYGVVPAATEAADLALAALRGALA
;
_entity_poly.pdbx_strand_id   B,A,C,D
#
# COMPACT_ATOMS: atom_id res chain seq x y z
N ARG A 19 -27.41 28.13 4.62
CA ARG A 19 -28.32 28.42 3.53
C ARG A 19 -29.58 27.53 3.76
N PRO A 20 -29.47 26.19 3.71
CA PRO A 20 -30.55 25.35 4.28
C PRO A 20 -30.56 25.54 5.78
N ALA A 21 -31.73 25.31 6.38
CA ALA A 21 -31.90 25.60 7.79
C ALA A 21 -31.12 24.61 8.64
N LEU A 22 -30.82 25.05 9.86
CA LEU A 22 -30.27 24.13 10.85
C LEU A 22 -31.27 23.00 11.07
N ASP A 23 -30.76 21.78 11.14
CA ASP A 23 -31.65 20.62 11.19
C ASP A 23 -32.62 20.73 12.37
N ALA A 24 -33.89 20.39 12.11
CA ALA A 24 -34.95 20.61 13.09
C ALA A 24 -34.73 19.77 14.36
N ILE A 25 -34.41 18.48 14.20
CA ILE A 25 -34.16 17.69 15.40
C ILE A 25 -32.94 18.20 16.14
N LEU A 26 -31.88 18.51 15.38
CA LEU A 26 -30.67 19.05 16.00
C LEU A 26 -30.97 20.29 16.82
N GLU A 27 -31.92 21.10 16.36
CA GLU A 27 -32.22 22.34 17.05
C GLU A 27 -32.96 22.09 18.36
N LYS A 28 -33.85 21.08 18.39
CA LYS A 28 -34.49 20.71 19.65
C LYS A 28 -33.47 20.14 20.63
N VAL A 29 -32.50 19.36 20.13
CA VAL A 29 -31.45 18.84 20.99
C VAL A 29 -30.57 19.98 21.49
N LEU A 30 -30.21 20.91 20.61
CA LEU A 30 -29.35 21.99 21.05
C LEU A 30 -30.06 22.92 22.05
N GLU A 31 -31.39 22.97 22.04
CA GLU A 31 -32.10 23.76 23.03
C GLU A 31 -32.24 23.05 24.37
N ALA A 32 -32.41 21.74 24.37
CA ALA A 32 -32.49 21.01 25.63
C ALA A 32 -31.14 21.01 26.34
N VAL A 33 -30.06 20.76 25.61
CA VAL A 33 -28.72 20.71 26.21
C VAL A 33 -27.82 21.66 25.44
N PRO A 34 -27.93 22.97 25.69
CA PRO A 34 -27.10 23.92 24.96
C PRO A 34 -25.68 23.81 25.49
N PHE A 35 -24.77 23.43 24.60
CA PHE A 35 -23.37 23.27 24.96
C PHE A 35 -22.54 24.19 24.10
N GLN A 36 -21.56 24.82 24.70
CA GLN A 36 -20.62 25.67 23.98
C GLN A 36 -19.20 25.28 24.39
N LEU A 37 -18.34 25.01 23.42
CA LEU A 37 -16.95 24.70 23.75
C LEU A 37 -16.22 26.02 23.97
N THR A 38 -15.84 26.29 25.23
CA THR A 38 -15.16 27.52 25.61
C THR A 38 -14.14 27.23 26.70
N MET A 39 -13.29 28.21 26.99
CA MET A 39 -12.29 28.11 28.06
C MET A 39 -12.82 28.62 29.41
N ASP A 40 -14.10 29.00 29.50
CA ASP A 40 -14.60 29.67 30.68
C ASP A 40 -14.42 28.81 31.92
N GLY A 41 -13.96 29.44 33.01
CA GLY A 41 -13.74 28.76 34.27
C GLY A 41 -12.46 27.95 34.35
N GLY A 42 -11.66 27.96 33.30
CA GLY A 42 -10.41 27.23 33.31
C GLY A 42 -10.54 25.84 32.74
N PRO A 43 -9.39 25.17 32.55
CA PRO A 43 -9.44 23.82 31.94
C PRO A 43 -10.23 22.81 32.74
N ASP A 44 -10.23 22.86 34.08
CA ASP A 44 -10.90 21.80 34.83
C ASP A 44 -12.41 21.92 34.73
N ALA A 45 -12.95 23.13 34.78
CA ALA A 45 -14.37 23.32 34.57
C ALA A 45 -14.77 22.94 33.15
N ALA A 46 -13.94 23.33 32.16
CA ALA A 46 -14.21 23.02 30.76
C ALA A 46 -14.26 21.52 30.50
N ARG A 47 -13.28 20.77 31.03
CA ARG A 47 -13.26 19.32 30.87
C ARG A 47 -14.45 18.69 31.56
N GLU A 48 -14.90 19.30 32.66
CA GLU A 48 -16.08 18.77 33.36
C GLU A 48 -17.36 19.01 32.56
N ARG A 49 -17.55 20.22 31.96
CA ARG A 49 -18.73 20.46 31.13
C ARG A 49 -18.81 19.46 29.97
N PHE A 50 -17.65 19.14 29.38
CA PHE A 50 -17.61 18.22 28.24
C PHE A 50 -17.82 16.78 28.68
N ARG A 51 -17.32 16.42 29.87
CA ARG A 51 -17.53 15.06 30.38
C ARG A 51 -18.97 14.84 30.81
N ALA A 52 -19.69 15.92 31.11
CA ALA A 52 -21.01 15.82 31.71
C ALA A 52 -22.12 15.83 30.67
N LEU A 53 -21.79 15.97 29.40
CA LEU A 53 -22.85 15.97 28.41
C LEU A 53 -23.50 14.57 28.36
N PRO A 54 -24.83 14.49 28.32
CA PRO A 54 -25.47 13.18 28.17
C PRO A 54 -25.15 12.58 26.82
N ARG A 55 -24.79 11.30 26.81
CA ARG A 55 -24.40 10.61 25.59
C ARG A 55 -25.08 9.26 25.47
N ARG A 56 -25.47 8.92 24.25
CA ARG A 56 -26.07 7.64 23.96
C ARG A 56 -24.98 6.60 23.86
N GLU A 57 -25.17 5.47 24.52
CA GLU A 57 -24.22 4.35 24.40
C GLU A 57 -24.36 3.66 23.04
N VAL A 58 -23.24 3.49 22.34
CA VAL A 58 -23.25 3.01 20.95
C VAL A 58 -22.53 1.67 20.89
N HIS A 59 -23.19 0.66 20.32
CA HIS A 59 -22.65 -0.70 20.13
C HIS A 59 -21.92 -1.17 21.38
N PRO A 60 -22.63 -1.39 22.49
CA PRO A 60 -21.96 -1.77 23.74
C PRO A 60 -21.42 -3.20 23.77
N GLU A 61 -21.88 -4.07 22.87
CA GLU A 61 -21.44 -5.47 22.82
C GLU A 61 -19.99 -5.62 22.41
N LEU A 62 -19.42 -4.61 21.75
CA LEU A 62 -18.10 -4.74 21.14
C LEU A 62 -17.05 -4.90 22.21
N ARG A 63 -16.07 -5.76 21.93
CA ARG A 63 -14.97 -5.99 22.86
C ARG A 63 -14.08 -4.74 22.95
N ALA A 64 -13.80 -4.29 24.16
CA ALA A 64 -12.90 -3.18 24.38
C ALA A 64 -11.84 -3.60 25.38
N GLU A 65 -10.65 -3.04 25.25
CA GLU A 65 -9.60 -3.34 26.20
C GLU A 65 -8.77 -2.09 26.45
N ASP A 66 -8.25 -1.99 27.66
CA ASP A 66 -7.36 -0.90 28.01
C ASP A 66 -5.92 -1.39 27.93
N ARG A 67 -5.06 -0.61 27.28
CA ARG A 67 -3.65 -0.94 27.23
C ARG A 67 -2.83 0.34 27.28
N ILE A 68 -1.54 0.18 27.55
CA ILE A 68 -0.60 1.29 27.47
C ILE A 68 0.40 0.96 26.38
N VAL A 69 0.52 1.84 25.39
CA VAL A 69 1.33 1.61 24.21
C VAL A 69 2.40 2.68 24.15
N GLU A 70 3.67 2.26 24.25
CA GLU A 70 4.84 3.15 24.21
C GLU A 70 4.60 4.36 25.12
N GLY A 71 4.03 4.08 26.29
CA GLY A 71 3.76 5.02 27.34
C GLY A 71 2.49 5.84 27.17
N VAL A 72 1.79 5.71 26.06
CA VAL A 72 0.58 6.49 25.80
C VAL A 72 -0.62 5.63 26.19
N PRO A 73 -1.50 6.09 27.07
CA PRO A 73 -2.69 5.31 27.38
C PRO A 73 -3.59 5.21 26.15
N VAL A 74 -4.21 4.05 25.98
CA VAL A 74 -4.93 3.74 24.75
C VAL A 74 -6.17 2.94 25.12
N ARG A 75 -7.16 2.95 24.25
CA ARG A 75 -8.22 1.97 24.40
C ARG A 75 -8.54 1.32 23.06
N ILE A 76 -8.61 0.00 23.05
CA ILE A 76 -8.67 -0.80 21.82
C ILE A 76 -10.03 -1.45 21.72
N TYR A 77 -10.63 -1.38 20.55
CA TYR A 77 -11.96 -1.88 20.28
C TYR A 77 -11.92 -2.90 19.16
N TRP A 78 -12.72 -3.95 19.29
CA TRP A 78 -12.74 -4.92 18.22
C TRP A 78 -14.08 -4.90 17.50
N PRO A 79 -14.08 -5.03 16.17
CA PRO A 79 -15.34 -5.02 15.41
C PRO A 79 -16.08 -6.34 15.58
N PRO A 80 -17.32 -6.48 15.07
CA PRO A 80 -17.98 -7.82 15.17
C PRO A 80 -17.12 -8.88 14.48
N GLU A 81 -16.80 -9.93 15.24
CA GLU A 81 -15.87 -10.93 14.71
C GLU A 81 -16.49 -11.60 13.49
N SER A 82 -15.67 -11.79 12.46
CA SER A 82 -16.12 -12.25 11.16
C SER A 82 -15.07 -13.19 10.62
N SER A 83 -15.37 -13.79 9.47
CA SER A 83 -14.39 -14.64 8.83
C SER A 83 -13.11 -13.87 8.52
N GLN A 84 -13.22 -12.65 8.00
CA GLN A 84 -11.99 -11.93 7.68
C GLN A 84 -11.31 -11.27 8.89
N THR A 85 -9.98 -11.24 8.80
CA THR A 85 -9.14 -10.42 9.67
C THR A 85 -9.37 -8.94 9.37
N PRO A 86 -9.62 -8.11 10.39
CA PRO A 86 -10.06 -6.73 10.14
C PRO A 86 -8.89 -5.78 9.93
N PRO A 87 -9.12 -4.63 9.29
CA PRO A 87 -8.12 -3.57 9.29
C PRO A 87 -8.08 -2.89 10.64
N VAL A 88 -7.09 -2.03 10.81
CA VAL A 88 -6.88 -1.32 12.05
C VAL A 88 -6.98 0.17 11.76
N LEU A 89 -7.65 0.88 12.64
CA LEU A 89 -7.83 2.31 12.49
C LEU A 89 -7.42 2.96 13.81
N LEU A 90 -6.60 3.99 13.74
CA LEU A 90 -6.25 4.81 14.88
C LEU A 90 -7.24 5.97 14.95
N PHE A 91 -7.77 6.24 16.15
CA PHE A 91 -8.74 7.32 16.32
C PHE A 91 -8.18 8.35 17.28
N PHE A 92 -8.17 9.62 16.86
CA PHE A 92 -7.65 10.72 17.67
C PHE A 92 -8.84 11.60 18.05
N HIS A 93 -9.23 11.54 19.32
CA HIS A 93 -10.40 12.28 19.78
C HIS A 93 -10.16 13.80 19.71
N GLY A 94 -11.25 14.54 19.58
CA GLY A 94 -11.20 15.99 19.58
C GLY A 94 -11.38 16.57 20.97
N GLY A 95 -11.66 17.88 20.99
CA GLY A 95 -11.82 18.59 22.25
C GLY A 95 -10.91 19.79 22.39
N GLY A 96 -10.51 20.41 21.28
CA GLY A 96 -9.69 21.61 21.28
C GLY A 96 -8.29 21.46 21.81
N TRP A 97 -7.75 20.24 21.79
CA TRP A 97 -6.43 19.94 22.34
C TRP A 97 -6.39 20.12 23.85
N VAL A 98 -7.54 20.39 24.50
CA VAL A 98 -7.60 20.68 25.93
C VAL A 98 -8.50 19.69 26.67
N VAL A 99 -9.69 19.43 26.14
CA VAL A 99 -10.65 18.56 26.83
C VAL A 99 -10.81 17.24 26.08
N GLY A 100 -11.61 16.33 26.60
CA GLY A 100 -11.81 15.03 26.00
C GLY A 100 -10.94 13.93 26.60
N ASP A 101 -11.42 12.69 26.44
CA ASP A 101 -10.82 11.52 27.05
C ASP A 101 -11.46 10.27 26.44
N LEU A 102 -10.90 9.11 26.80
CA LEU A 102 -11.38 7.85 26.24
C LEU A 102 -12.85 7.61 26.55
N ASP A 103 -13.33 8.04 27.72
CA ASP A 103 -14.70 7.73 28.13
C ASP A 103 -15.76 8.57 27.41
N SER A 104 -15.56 9.88 27.29
CA SER A 104 -16.53 10.68 26.57
C SER A 104 -16.49 10.43 25.07
N TYR A 105 -15.45 9.76 24.57
CA TYR A 105 -15.39 9.38 23.17
C TYR A 105 -15.60 7.89 22.97
N ASP A 106 -15.96 7.18 24.02
CA ASP A 106 -16.11 5.73 23.91
C ASP A 106 -17.11 5.39 22.81
N GLY A 107 -18.25 6.09 22.80
CA GLY A 107 -19.29 5.78 21.85
C GLY A 107 -18.86 6.07 20.43
N THR A 108 -18.17 7.17 20.22
CA THR A 108 -17.67 7.50 18.89
C THR A 108 -16.67 6.46 18.40
N ALA A 109 -15.81 5.97 19.28
CA ALA A 109 -14.85 4.98 18.84
C ALA A 109 -15.54 3.69 18.44
N ARG A 110 -16.56 3.29 19.20
CA ARG A 110 -17.33 2.08 18.90
C ARG A 110 -18.05 2.21 17.56
N ALA A 111 -18.63 3.38 17.26
CA ALA A 111 -19.27 3.59 15.97
C ALA A 111 -18.30 3.39 14.81
N HIS A 112 -17.07 3.90 14.94
CA HIS A 112 -16.05 3.65 13.93
C HIS A 112 -15.77 2.15 13.80
N ALA A 113 -15.67 1.45 14.94
CA ALA A 113 -15.33 0.03 14.89
C ALA A 113 -16.38 -0.77 14.14
N ALA A 114 -17.65 -0.56 14.45
CA ALA A 114 -18.72 -1.32 13.80
C ALA A 114 -18.93 -0.89 12.34
N GLY A 115 -18.84 0.42 12.06
CA GLY A 115 -19.10 0.95 10.73
C GLY A 115 -18.00 0.68 9.72
N VAL A 116 -16.76 0.81 10.16
CA VAL A 116 -15.62 0.50 9.30
C VAL A 116 -15.25 -0.98 9.34
N GLY A 117 -15.73 -1.73 10.32
CA GLY A 117 -15.30 -3.11 10.41
C GLY A 117 -13.85 -3.24 10.79
N ALA A 118 -13.33 -2.30 11.59
CA ALA A 118 -11.90 -2.28 11.88
C ALA A 118 -11.65 -2.38 13.37
N VAL A 119 -10.48 -2.91 13.72
CA VAL A 119 -9.95 -2.75 15.06
C VAL A 119 -9.58 -1.29 15.23
N VAL A 120 -10.05 -0.67 16.31
CA VAL A 120 -9.87 0.76 16.51
C VAL A 120 -9.04 1.02 17.75
N VAL A 121 -8.02 1.84 17.58
CA VAL A 121 -7.13 2.22 18.65
C VAL A 121 -7.37 3.69 18.95
N SER A 122 -8.05 3.95 20.06
CA SER A 122 -8.35 5.31 20.54
C SER A 122 -7.21 5.78 21.44
N VAL A 123 -6.60 6.90 21.11
CA VAL A 123 -5.38 7.34 21.78
C VAL A 123 -5.72 8.43 22.78
N ASP A 124 -5.26 8.25 24.02
CA ASP A 124 -5.45 9.22 25.09
C ASP A 124 -4.18 10.07 25.20
N TYR A 125 -4.06 11.02 24.28
CA TYR A 125 -2.90 11.89 24.16
C TYR A 125 -2.85 12.96 25.25
N ARG A 126 -1.66 13.57 25.40
CA ARG A 126 -1.46 14.59 26.41
C ARG A 126 -2.14 15.90 26.02
N LEU A 127 -2.67 16.58 27.02
CA LEU A 127 -3.56 17.69 26.78
C LEU A 127 -2.92 18.99 27.23
N ALA A 128 -3.18 20.03 26.45
CA ALA A 128 -2.84 21.39 26.80
C ALA A 128 -3.87 21.86 27.80
N PRO A 129 -3.53 22.87 28.62
CA PRO A 129 -2.27 23.64 28.64
C PRO A 129 -1.11 22.95 29.40
N GLU A 130 -1.35 21.85 30.12
CA GLU A 130 -0.28 21.24 30.91
C GLU A 130 0.84 20.71 30.02
N HIS A 131 0.49 20.12 28.87
CA HIS A 131 1.44 19.63 27.88
C HIS A 131 1.08 20.20 26.51
N PRO A 132 1.60 21.35 26.17
CA PRO A 132 1.22 21.99 24.92
C PRO A 132 1.89 21.32 23.72
N TYR A 133 1.63 21.89 22.56
CA TYR A 133 2.27 21.45 21.33
C TYR A 133 3.79 21.41 21.53
N PRO A 134 4.47 20.31 21.16
CA PRO A 134 3.97 19.21 20.34
C PRO A 134 3.63 17.89 21.10
N ALA A 135 3.19 17.95 22.36
CA ALA A 135 2.98 16.73 23.13
C ALA A 135 1.92 15.83 22.49
N ALA A 136 0.80 16.41 22.04
CA ALA A 136 -0.23 15.58 21.42
C ALA A 136 0.32 14.85 20.19
N VAL A 137 1.10 15.55 19.37
CA VAL A 137 1.64 14.95 18.16
C VAL A 137 2.55 13.78 18.49
N GLU A 138 3.38 13.95 19.51
CA GLU A 138 4.30 12.86 19.86
C GLU A 138 3.54 11.62 20.29
N ASP A 139 2.44 11.79 21.03
CA ASP A 139 1.68 10.65 21.55
C ASP A 139 0.93 9.91 20.44
N VAL A 140 0.15 10.64 19.64
CA VAL A 140 -0.61 9.97 18.58
C VAL A 140 0.32 9.35 17.56
N TRP A 141 1.48 9.99 17.30
CA TRP A 141 2.46 9.44 16.38
C TRP A 141 3.13 8.19 16.94
N ALA A 142 3.46 8.21 18.23
CA ALA A 142 4.08 7.03 18.84
C ALA A 142 3.18 5.82 18.72
N VAL A 143 1.87 5.99 18.94
CA VAL A 143 0.96 4.86 18.87
C VAL A 143 0.76 4.42 17.43
N THR A 144 0.72 5.38 16.50
CA THR A 144 0.66 5.07 15.07
C THR A 144 1.88 4.26 14.62
N ARG A 145 3.08 4.65 15.07
CA ARG A 145 4.25 3.81 14.80
C ARG A 145 4.10 2.41 15.41
N TRP A 146 3.57 2.33 16.63
CA TRP A 146 3.47 1.04 17.28
C TRP A 146 2.47 0.13 16.57
N VAL A 147 1.32 0.67 16.17
CA VAL A 147 0.35 -0.18 15.49
C VAL A 147 0.87 -0.63 14.13
N ALA A 148 1.55 0.26 13.41
CA ALA A 148 2.02 -0.10 12.07
C ALA A 148 2.98 -1.29 12.09
N ALA A 149 3.66 -1.51 13.21
CA ALA A 149 4.56 -2.63 13.33
C ALA A 149 4.00 -3.82 14.13
N HIS A 150 3.00 -3.60 15.00
CA HIS A 150 2.55 -4.63 15.95
C HIS A 150 1.04 -4.91 15.83
N ALA A 151 0.40 -4.56 14.69
CA ALA A 151 -1.05 -4.67 14.60
C ALA A 151 -1.56 -6.10 14.58
N ALA A 152 -0.78 -7.03 14.00
CA ALA A 152 -1.23 -8.42 14.01
C ALA A 152 -1.36 -8.95 15.43
N GLU A 153 -0.63 -8.34 16.37
CA GLU A 153 -0.63 -8.78 17.76
C GLU A 153 -2.00 -8.52 18.40
N LEU A 154 -2.84 -7.75 17.70
CA LEU A 154 -4.22 -7.49 18.07
C LEU A 154 -5.21 -8.23 17.18
N GLY A 155 -4.71 -9.03 16.23
CA GLY A 155 -5.57 -9.66 15.27
C GLY A 155 -5.92 -8.82 14.08
N ALA A 156 -5.19 -7.73 13.80
CA ALA A 156 -5.52 -6.85 12.69
C ALA A 156 -4.48 -6.98 11.57
N ASP A 157 -4.87 -6.52 10.37
CA ASP A 157 -3.96 -6.58 9.23
C ASP A 157 -3.09 -5.32 9.21
N PRO A 158 -1.78 -5.44 9.47
CA PRO A 158 -0.92 -4.25 9.45
C PRO A 158 -0.77 -3.63 8.08
N ALA A 159 -1.21 -4.31 7.03
CA ALA A 159 -1.13 -3.76 5.67
C ALA A 159 -2.34 -2.90 5.33
N ARG A 160 -3.30 -2.80 6.25
CA ARG A 160 -4.52 -2.02 6.08
C ARG A 160 -4.69 -1.16 7.33
N ILE A 161 -4.16 0.06 7.26
CA ILE A 161 -4.22 1.00 8.36
C ILE A 161 -4.79 2.33 7.88
N ALA A 162 -5.51 3.02 8.76
CA ALA A 162 -6.01 4.35 8.46
C ALA A 162 -5.97 5.16 9.75
N VAL A 163 -6.16 6.46 9.63
CA VAL A 163 -6.23 7.34 10.78
C VAL A 163 -7.52 8.12 10.69
N ALA A 164 -8.16 8.36 11.85
CA ALA A 164 -9.35 9.19 11.92
C ALA A 164 -9.29 10.12 13.13
N GLY A 165 -9.85 11.34 12.97
CA GLY A 165 -9.92 12.30 14.06
C GLY A 165 -10.90 13.43 13.80
N ASP A 166 -11.46 13.99 14.89
CA ASP A 166 -12.44 15.06 14.78
C ASP A 166 -11.91 16.31 15.46
N SER A 167 -12.21 17.49 14.87
CA SER A 167 -11.90 18.80 15.46
C SER A 167 -10.38 18.88 15.70
N ALA A 168 -9.90 19.02 16.93
CA ALA A 168 -8.47 18.99 17.19
C ALA A 168 -7.84 17.66 16.80
N GLY A 169 -8.56 16.56 16.99
CA GLY A 169 -8.09 15.25 16.55
C GLY A 169 -8.05 15.10 15.05
N GLY A 170 -8.84 15.90 14.33
CA GLY A 170 -8.70 15.94 12.87
C GLY A 170 -7.40 16.58 12.46
N ASN A 171 -7.01 17.68 13.14
CA ASN A 171 -5.69 18.26 12.93
C ASN A 171 -4.60 17.25 13.25
N LEU A 172 -4.76 16.46 14.32
CA LEU A 172 -3.75 15.45 14.63
C LEU A 172 -3.70 14.37 13.55
N ALA A 173 -4.87 14.00 13.00
CA ALA A 173 -4.91 12.95 11.98
C ALA A 173 -4.27 13.40 10.66
N ALA A 174 -4.55 14.63 10.23
CA ALA A 174 -3.92 15.15 9.04
C ALA A 174 -2.40 15.24 9.20
N VAL A 175 -1.94 15.70 10.38
CA VAL A 175 -0.50 15.80 10.68
C VAL A 175 0.15 14.41 10.74
N VAL A 176 -0.53 13.43 11.33
CA VAL A 176 0.05 12.08 11.41
C VAL A 176 0.23 11.48 10.02
N ALA A 177 -0.68 11.77 9.07
CA ALA A 177 -0.54 11.26 7.71
C ALA A 177 0.70 11.80 7.01
N LEU A 178 1.10 13.04 7.30
CA LEU A 178 2.35 13.56 6.76
C LEU A 178 3.55 12.88 7.44
N LEU A 179 3.47 12.68 8.76
CA LEU A 179 4.54 11.96 9.42
C LEU A 179 4.66 10.55 8.86
N ALA A 180 3.51 9.92 8.56
CA ALA A 180 3.51 8.54 8.07
C ALA A 180 4.12 8.45 6.67
N ARG A 181 3.80 9.42 5.82
CA ARG A 181 4.38 9.43 4.49
C ARG A 181 5.91 9.54 4.55
N ASP A 182 6.42 10.40 5.44
CA ASP A 182 7.85 10.65 5.52
C ASP A 182 8.63 9.56 6.27
N ALA A 183 7.99 8.75 7.09
CA ALA A 183 8.67 7.67 7.81
C ALA A 183 8.39 6.31 7.19
N GLY A 184 7.64 6.27 6.09
CA GLY A 184 7.35 5.01 5.44
C GLY A 184 6.25 4.17 6.07
N VAL A 185 5.30 4.80 6.75
CA VAL A 185 4.11 4.13 7.26
C VAL A 185 3.00 4.28 6.23
N ARG A 186 2.48 3.14 5.75
CA ARG A 186 1.45 3.22 4.72
C ARG A 186 0.10 3.40 5.37
N LEU A 187 -0.53 4.52 5.06
CA LEU A 187 -1.89 4.79 5.46
C LEU A 187 -2.69 4.66 4.18
N ARG A 188 -3.81 3.97 4.26
CA ARG A 188 -4.67 3.84 3.11
C ARG A 188 -5.73 4.92 3.05
N ALA A 189 -5.99 5.58 4.16
CA ALA A 189 -6.92 6.68 4.20
C ALA A 189 -6.76 7.47 5.48
N GLN A 190 -7.24 8.71 5.43
CA GLN A 190 -7.35 9.57 6.60
C GLN A 190 -8.77 10.10 6.60
N LEU A 191 -9.50 9.81 7.68
CA LEU A 191 -10.84 10.32 7.86
C LEU A 191 -10.73 11.53 8.78
N LEU A 192 -11.05 12.71 8.25
CA LEU A 192 -10.99 13.97 8.97
C LEU A 192 -12.40 14.45 9.23
N TRP A 193 -12.85 14.36 10.48
CA TRP A 193 -14.14 14.92 10.85
C TRP A 193 -13.91 16.37 11.24
N TYR A 194 -14.55 17.30 10.50
CA TYR A 194 -14.55 18.74 10.72
C TYR A 194 -13.24 19.19 11.38
N PRO A 195 -12.09 19.09 10.68
CA PRO A 195 -10.80 19.31 11.34
C PRO A 195 -10.39 20.77 11.34
N ALA A 196 -9.24 21.04 11.95
CA ALA A 196 -8.60 22.36 11.97
C ALA A 196 -7.20 22.24 11.34
N THR A 197 -7.15 22.20 10.01
CA THR A 197 -5.94 21.99 9.23
C THR A 197 -5.24 23.30 8.83
N THR A 198 -6.00 24.27 8.34
CA THR A 198 -5.49 25.61 8.11
C THR A 198 -5.74 26.41 9.38
N TRP A 199 -4.96 27.43 9.59
CA TRP A 199 -5.28 28.34 10.69
C TRP A 199 -5.69 29.69 10.10
N ASP A 200 -6.51 29.62 9.06
CA ASP A 200 -6.92 30.78 8.28
C ASP A 200 -8.27 31.25 8.80
N THR A 201 -8.26 32.29 9.64
CA THR A 201 -9.51 32.84 10.15
C THR A 201 -10.20 33.72 9.12
N SER A 202 -9.56 33.96 7.98
CA SER A 202 -10.15 34.78 6.95
C SER A 202 -11.10 34.00 6.05
N LEU A 203 -11.16 32.67 6.20
CA LEU A 203 -12.08 31.87 5.40
C LEU A 203 -13.52 32.25 5.74
N ALA A 204 -14.41 32.08 4.76
CA ALA A 204 -15.76 32.62 4.85
C ALA A 204 -16.54 32.10 6.04
N SER A 205 -16.42 30.79 6.35
CA SER A 205 -17.26 30.20 7.40
C SER A 205 -16.96 30.78 8.79
N PHE A 206 -15.73 31.27 9.02
CA PHE A 206 -15.40 31.87 10.30
C PHE A 206 -16.23 33.10 10.57
N THR A 207 -16.64 33.79 9.52
CA THR A 207 -17.48 34.97 9.68
C THR A 207 -18.95 34.62 9.64
N GLU A 208 -19.35 33.76 8.70
CA GLU A 208 -20.74 33.32 8.59
C GLU A 208 -21.19 32.59 9.85
N ASN A 209 -20.30 31.79 10.46
CA ASN A 209 -20.65 30.97 11.61
C ASN A 209 -19.85 31.34 12.86
N ALA A 210 -19.56 32.64 13.04
CA ALA A 210 -18.71 33.07 14.16
C ALA A 210 -19.36 32.86 15.51
N ASP A 211 -20.68 32.84 15.55
CA ASP A 211 -21.42 32.64 16.78
C ASP A 211 -22.32 31.43 16.68
N ALA A 212 -21.78 30.34 16.09
CA ALA A 212 -22.51 29.11 15.77
C ALA A 212 -22.73 28.27 17.04
N PRO A 213 -23.65 27.30 16.98
CA PRO A 213 -24.02 26.60 18.22
C PRO A 213 -22.89 25.91 19.00
N ILE A 214 -22.04 25.07 18.41
CA ILE A 214 -21.15 24.29 19.27
C ILE A 214 -19.78 24.91 19.37
N LEU A 215 -19.27 25.45 18.28
CA LEU A 215 -17.95 26.06 18.21
C LEU A 215 -18.09 27.42 17.56
N GLY A 216 -17.55 28.46 18.21
CA GLY A 216 -17.53 29.79 17.64
C GLY A 216 -16.14 30.20 17.22
N ARG A 217 -16.03 31.46 16.82
CA ARG A 217 -14.73 31.87 16.32
C ARG A 217 -13.82 32.23 17.47
N ARG A 218 -14.40 32.68 18.60
CA ARG A 218 -13.57 32.94 19.76
C ARG A 218 -12.96 31.67 20.29
N ALA A 219 -13.75 30.58 20.36
CA ALA A 219 -13.23 29.34 20.89
C ALA A 219 -12.12 28.78 20.01
N VAL A 220 -12.28 28.87 18.68
CA VAL A 220 -11.25 28.41 17.75
C VAL A 220 -9.92 29.09 18.06
N GLY A 221 -9.92 30.42 18.19
CA GLY A 221 -8.70 31.12 18.52
C GLY A 221 -8.18 30.82 19.91
N SER A 222 -9.08 30.63 20.89
CA SER A 222 -8.64 30.37 22.24
C SER A 222 -7.91 29.04 22.35
N PHE A 223 -8.47 27.97 21.77
CA PHE A 223 -7.86 26.65 21.95
C PHE A 223 -6.52 26.54 21.22
N SER A 224 -6.39 27.19 20.06
CA SER A 224 -5.11 27.24 19.35
C SER A 224 -4.03 27.88 20.21
N THR A 225 -4.38 28.96 20.90
CA THR A 225 -3.42 29.65 21.78
C THR A 225 -3.03 28.78 22.98
N LEU A 226 -4.01 28.06 23.57
CA LEU A 226 -3.66 27.16 24.66
C LEU A 226 -2.78 26.00 24.18
N TYR A 227 -3.00 25.52 22.96
CA TYR A 227 -2.21 24.40 22.45
C TYR A 227 -0.82 24.84 22.06
N ALA A 228 -0.72 25.94 21.32
CA ALA A 228 0.54 26.35 20.72
C ALA A 228 0.72 27.87 20.78
N ALA A 229 0.77 28.43 21.99
CA ALA A 229 0.80 29.88 22.13
C ALA A 229 2.06 30.48 21.55
N ASP A 230 3.19 29.77 21.61
CA ASP A 230 4.47 30.39 21.37
C ASP A 230 5.02 30.06 20.00
N ILE A 231 4.14 29.71 19.07
CA ILE A 231 4.53 29.43 17.70
C ILE A 231 4.16 30.65 16.88
N ASP A 232 5.15 31.18 16.17
CA ASP A 232 4.88 32.24 15.21
C ASP A 232 4.13 31.62 14.04
N LEU A 233 2.94 32.12 13.79
CA LEU A 233 2.11 31.53 12.75
C LEU A 233 2.41 32.10 11.37
N SER A 234 3.39 33.00 11.25
CA SER A 234 3.81 33.47 9.94
C SER A 234 4.43 32.34 9.14
N ASP A 235 5.26 31.51 9.78
CA ASP A 235 5.80 30.30 9.16
C ASP A 235 5.85 29.18 10.19
N PRO A 236 4.71 28.57 10.49
CA PRO A 236 4.66 27.51 11.50
C PRO A 236 5.10 26.18 10.92
N PRO A 237 5.46 25.22 11.76
CA PRO A 237 5.78 23.88 11.24
C PRO A 237 4.51 23.18 10.76
N ALA A 238 4.71 22.23 9.84
CA ALA A 238 3.55 21.52 9.30
C ALA A 238 2.88 20.65 10.34
N THR A 239 3.62 20.21 11.38
CA THR A 239 3.02 19.41 12.46
C THR A 239 2.05 20.22 13.31
N LEU A 240 2.06 21.56 13.20
CA LEU A 240 0.99 22.35 13.81
C LEU A 240 -0.11 22.66 12.81
N VAL A 241 0.27 23.22 11.67
CA VAL A 241 -0.67 23.56 10.61
C VAL A 241 -0.38 22.68 9.40
N PRO A 242 -1.15 21.61 9.18
CA PRO A 242 -0.84 20.71 8.05
C PRO A 242 -0.94 21.38 6.69
N ALA A 243 -1.79 22.41 6.57
CA ALA A 243 -1.94 23.13 5.31
C ALA A 243 -0.68 23.88 4.88
N ARG A 244 0.27 24.12 5.79
CA ARG A 244 1.48 24.87 5.50
C ARG A 244 2.66 23.97 5.14
N ALA A 245 2.40 22.70 4.81
CA ALA A 245 3.50 21.83 4.45
C ALA A 245 4.07 22.22 3.09
N ALA A 246 5.33 21.84 2.89
CA ALA A 246 5.97 22.14 1.61
C ALA A 246 5.14 21.56 0.47
N THR A 247 4.71 20.31 0.63
CA THR A 247 3.80 19.67 -0.31
C THR A 247 2.94 18.66 0.45
N LEU A 248 1.68 18.55 0.05
CA LEU A 248 0.83 17.52 0.61
C LEU A 248 0.83 16.24 -0.22
N ALA A 249 1.62 16.20 -1.30
CA ALA A 249 1.66 15.04 -2.21
C ALA A 249 2.20 13.80 -1.51
N GLY A 250 1.54 12.65 -1.76
CA GLY A 250 1.93 11.38 -1.20
C GLY A 250 1.24 10.94 0.09
N VAL A 251 0.44 11.80 0.74
CA VAL A 251 -0.26 11.35 1.95
C VAL A 251 -1.47 10.51 1.55
N ALA A 252 -1.99 9.78 2.53
CA ALA A 252 -3.13 8.91 2.30
C ALA A 252 -4.35 9.68 1.77
N PRO A 253 -5.15 9.05 0.91
CA PRO A 253 -6.37 9.70 0.43
C PRO A 253 -7.27 10.14 1.57
N ALA A 254 -8.03 11.22 1.33
CA ALA A 254 -8.76 11.89 2.40
C ALA A 254 -10.25 11.89 2.14
N TYR A 255 -10.99 11.60 3.21
CA TYR A 255 -12.41 11.91 3.31
C TYR A 255 -12.54 12.94 4.42
N ILE A 256 -13.08 14.10 4.10
CA ILE A 256 -13.15 15.21 5.02
C ILE A 256 -14.62 15.50 5.21
N ALA A 257 -15.11 15.28 6.43
CA ALA A 257 -16.52 15.46 6.77
C ALA A 257 -16.68 16.81 7.45
N VAL A 258 -17.40 17.71 6.80
CA VAL A 258 -17.46 19.12 7.13
C VAL A 258 -18.89 19.45 7.52
N ALA A 259 -19.09 20.49 8.33
CA ALA A 259 -20.43 20.81 8.83
C ALA A 259 -20.83 22.23 8.45
N GLY A 260 -22.09 22.39 8.05
CA GLY A 260 -22.53 23.65 7.45
C GLY A 260 -22.46 24.83 8.39
N TYR A 261 -22.89 24.63 9.64
CA TYR A 261 -23.01 25.68 10.65
C TYR A 261 -21.81 25.71 11.59
N ASP A 262 -20.64 25.41 11.06
CA ASP A 262 -19.40 25.30 11.78
C ASP A 262 -18.46 26.37 11.25
N PRO A 263 -17.83 27.16 12.11
CA PRO A 263 -16.83 28.12 11.62
C PRO A 263 -15.65 27.43 10.96
N LEU A 264 -15.38 26.17 11.25
CA LEU A 264 -14.28 25.45 10.63
C LEU A 264 -14.66 24.78 9.30
N ARG A 265 -15.84 25.07 8.78
CA ARG A 265 -16.30 24.43 7.55
C ARG A 265 -15.33 24.68 6.41
N ASP A 266 -15.02 25.94 6.14
CA ASP A 266 -14.16 26.26 5.01
C ASP A 266 -12.74 25.81 5.26
N ASP A 267 -12.39 25.61 6.52
CA ASP A 267 -11.09 25.06 6.83
C ASP A 267 -10.93 23.68 6.19
N GLY A 268 -11.88 22.77 6.45
CA GLY A 268 -11.78 21.44 5.87
C GLY A 268 -11.90 21.45 4.36
N ILE A 269 -12.76 22.33 3.82
CA ILE A 269 -12.93 22.43 2.38
C ILE A 269 -11.66 22.97 1.75
N ARG A 270 -11.03 23.98 2.37
CA ARG A 270 -9.75 24.46 1.84
C ARG A 270 -8.73 23.34 1.88
N TYR A 271 -8.66 22.60 2.98
CA TYR A 271 -7.69 21.51 3.06
C TYR A 271 -7.92 20.50 1.94
N ALA A 272 -9.19 20.23 1.58
CA ALA A 272 -9.46 19.33 0.46
C ALA A 272 -8.92 19.90 -0.84
N GLU A 273 -9.05 21.23 -1.04
CA GLU A 273 -8.51 21.85 -2.24
C GLU A 273 -6.99 21.79 -2.31
N LEU A 274 -6.30 22.03 -1.19
CA LEU A 274 -4.83 21.96 -1.20
C LEU A 274 -4.35 20.55 -1.52
N LEU A 275 -5.05 19.53 -1.00
CA LEU A 275 -4.64 18.15 -1.29
C LEU A 275 -4.81 17.80 -2.77
N ALA A 276 -5.94 18.17 -3.35
CA ALA A 276 -6.19 17.87 -4.74
C ALA A 276 -5.22 18.62 -5.65
N ALA A 277 -4.87 19.86 -5.30
CA ALA A 277 -3.90 20.61 -6.09
C ALA A 277 -2.52 19.96 -6.03
N ASP A 278 -2.24 19.19 -4.98
CA ASP A 278 -1.01 18.42 -4.91
C ASP A 278 -1.20 16.99 -5.41
N GLY A 279 -2.30 16.70 -6.11
CA GLY A 279 -2.48 15.37 -6.66
C GLY A 279 -3.01 14.32 -5.71
N VAL A 280 -3.52 14.71 -4.54
CA VAL A 280 -3.94 13.76 -3.51
C VAL A 280 -5.41 13.44 -3.71
N PRO A 281 -5.78 12.16 -3.68
CA PRO A 281 -7.21 11.78 -3.70
C PRO A 281 -7.90 12.31 -2.46
N ALA A 282 -8.96 13.09 -2.66
CA ALA A 282 -9.63 13.75 -1.55
C ALA A 282 -11.12 13.87 -1.82
N GLN A 283 -11.92 13.42 -0.87
CA GLN A 283 -13.37 13.54 -0.87
C GLN A 283 -13.77 14.42 0.31
N VAL A 284 -14.60 15.43 0.03
CA VAL A 284 -15.14 16.29 1.07
C VAL A 284 -16.66 16.16 1.00
N HIS A 285 -17.30 15.94 2.15
CA HIS A 285 -18.74 15.95 2.28
C HIS A 285 -19.13 17.04 3.26
N ASN A 286 -20.12 17.88 2.86
CA ASN A 286 -20.66 18.96 3.70
C ASN A 286 -22.08 18.62 4.18
N ALA A 287 -22.22 18.34 5.47
CA ALA A 287 -23.54 18.20 6.09
C ALA A 287 -24.06 19.61 6.43
N ASP A 288 -24.74 20.25 5.46
CA ASP A 288 -25.04 21.68 5.55
C ASP A 288 -25.99 22.03 6.68
N THR A 289 -26.71 21.05 7.24
CA THR A 289 -27.72 21.35 8.27
C THR A 289 -27.22 21.05 9.69
N LEU A 290 -25.98 20.59 9.83
CA LEU A 290 -25.40 20.13 11.08
C LEU A 290 -24.44 21.18 11.65
N VAL A 291 -23.94 20.92 12.87
CA VAL A 291 -23.03 21.85 13.55
C VAL A 291 -21.68 21.17 13.76
N HIS A 292 -20.73 21.91 14.30
CA HIS A 292 -19.44 21.30 14.65
C HIS A 292 -19.66 20.17 15.65
N GLY A 293 -18.85 19.13 15.53
CA GLY A 293 -18.95 18.05 16.49
C GLY A 293 -20.21 17.23 16.38
N TYR A 294 -20.69 16.98 15.16
CA TYR A 294 -21.97 16.25 15.04
C TYR A 294 -21.84 14.75 15.33
N LEU A 295 -20.63 14.21 15.50
CA LEU A 295 -20.54 12.85 15.96
C LEU A 295 -21.13 12.65 17.35
N GLY A 296 -21.20 13.72 18.16
CA GLY A 296 -21.81 13.63 19.46
C GLY A 296 -23.29 13.38 19.45
N TYR A 297 -23.90 13.48 18.28
CA TYR A 297 -25.33 13.22 18.09
C TYR A 297 -25.57 11.94 17.32
N TYR A 298 -24.54 11.11 17.15
CA TYR A 298 -24.69 9.84 16.45
C TYR A 298 -25.72 8.96 17.15
N GLY A 299 -26.64 8.42 16.39
CA GLY A 299 -27.70 7.65 16.99
C GLY A 299 -28.69 8.48 17.77
N VAL A 300 -28.55 9.82 17.77
CA VAL A 300 -29.51 10.71 18.41
C VAL A 300 -30.16 11.64 17.41
N VAL A 301 -29.38 12.34 16.59
CA VAL A 301 -29.93 13.24 15.58
C VAL A 301 -29.85 12.52 14.23
N PRO A 302 -30.99 12.11 13.64
CA PRO A 302 -30.93 11.25 12.43
C PRO A 302 -30.04 11.77 11.33
N ALA A 303 -30.12 13.06 11.01
CA ALA A 303 -29.25 13.60 9.99
C ALA A 303 -27.77 13.45 10.36
N ALA A 304 -27.46 13.42 11.66
CA ALA A 304 -26.06 13.24 12.07
C ALA A 304 -25.58 11.81 11.84
N THR A 305 -26.41 10.83 12.19
CA THR A 305 -26.07 9.45 11.94
C THR A 305 -25.91 9.17 10.45
N GLU A 306 -26.77 9.76 9.63
CA GLU A 306 -26.69 9.52 8.20
C GLU A 306 -25.39 10.10 7.62
N ALA A 307 -25.08 11.36 7.95
CA ALA A 307 -23.81 11.93 7.49
C ALA A 307 -22.64 11.13 8.01
N ALA A 308 -22.68 10.72 9.28
CA ALA A 308 -21.57 9.95 9.82
C ALA A 308 -21.44 8.61 9.10
N ASP A 309 -22.57 7.97 8.77
CA ASP A 309 -22.53 6.66 8.13
C ASP A 309 -21.97 6.72 6.72
N LEU A 310 -22.13 7.85 6.02
CA LEU A 310 -21.52 8.03 4.70
C LEU A 310 -20.00 7.94 4.78
N ALA A 311 -19.40 8.81 5.61
CA ALA A 311 -17.94 8.80 5.79
C ALA A 311 -17.46 7.45 6.28
N LEU A 312 -18.20 6.80 7.19
CA LEU A 312 -17.80 5.49 7.66
C LEU A 312 -17.82 4.46 6.54
N ALA A 313 -18.79 4.56 5.62
CA ALA A 313 -18.83 3.62 4.51
C ALA A 313 -17.67 3.82 3.53
N ALA A 314 -17.35 5.06 3.17
CA ALA A 314 -16.23 5.26 2.27
C ALA A 314 -14.96 4.68 2.88
N LEU A 315 -14.74 4.93 4.16
CA LEU A 315 -13.58 4.36 4.81
C LEU A 315 -13.67 2.84 4.88
N ARG A 316 -14.90 2.28 4.91
CA ARG A 316 -15.01 0.83 4.88
C ARG A 316 -14.48 0.28 3.55
N GLY A 317 -14.77 0.97 2.45
CA GLY A 317 -14.30 0.49 1.17
C GLY A 317 -12.80 0.62 1.01
N ALA A 318 -12.25 1.79 1.34
CA ALA A 318 -10.82 2.00 1.20
C ALA A 318 -9.99 1.02 2.04
N LEU A 319 -10.61 0.31 2.97
CA LEU A 319 -9.94 -0.71 3.80
C LEU A 319 -10.43 -2.13 3.51
N ARG B 19 47.04 -1.64 1.85
CA ARG B 19 46.56 -0.50 2.63
C ARG B 19 47.27 0.76 2.14
N PRO B 20 46.48 1.79 1.79
CA PRO B 20 47.06 3.08 1.40
C PRO B 20 47.76 3.80 2.55
N ALA B 21 48.75 4.62 2.18
CA ALA B 21 49.55 5.32 3.18
C ALA B 21 48.75 6.42 3.86
N LEU B 22 49.10 6.69 5.12
CA LEU B 22 48.57 7.86 5.80
C LEU B 22 48.98 9.11 5.01
N ASP B 23 48.05 10.07 4.90
CA ASP B 23 48.32 11.24 4.06
C ASP B 23 49.60 11.93 4.48
N ALA B 24 50.42 12.32 3.50
CA ALA B 24 51.76 12.80 3.78
C ALA B 24 51.75 14.08 4.60
N ILE B 25 50.93 15.05 4.20
CA ILE B 25 50.86 16.30 4.93
C ILE B 25 50.30 16.08 6.32
N LEU B 26 49.31 15.18 6.45
CA LEU B 26 48.75 14.85 7.75
C LEU B 26 49.83 14.33 8.68
N GLU B 27 50.76 13.52 8.17
CA GLU B 27 51.70 12.90 9.08
C GLU B 27 52.73 13.90 9.55
N LYS B 28 53.03 14.87 8.69
CA LYS B 28 53.89 15.97 9.08
C LYS B 28 53.24 16.83 10.17
N VAL B 29 51.92 17.05 10.06
CA VAL B 29 51.16 17.77 11.07
C VAL B 29 51.09 16.96 12.35
N LEU B 30 50.85 15.65 12.25
CA LEU B 30 50.85 14.81 13.43
C LEU B 30 52.21 14.72 14.07
N GLU B 31 53.28 14.98 13.31
CA GLU B 31 54.60 15.02 13.93
C GLU B 31 54.80 16.33 14.68
N ALA B 32 54.27 17.43 14.17
CA ALA B 32 54.35 18.71 14.88
C ALA B 32 53.46 18.72 16.11
N VAL B 33 52.24 18.19 15.99
CA VAL B 33 51.25 18.22 17.06
C VAL B 33 50.75 16.81 17.32
N PRO B 34 51.52 15.95 17.97
CA PRO B 34 51.03 14.60 18.21
C PRO B 34 49.99 14.66 19.31
N PHE B 35 48.74 14.37 18.95
CA PHE B 35 47.66 14.47 19.91
C PHE B 35 47.05 13.10 20.12
N GLN B 36 46.78 12.81 21.37
CA GLN B 36 46.13 11.57 21.70
C GLN B 36 44.99 11.93 22.62
N LEU B 37 43.79 11.49 22.26
CA LEU B 37 42.65 11.69 23.11
C LEU B 37 42.75 10.64 24.20
N THR B 38 43.03 11.08 25.43
CA THR B 38 43.13 10.18 26.58
C THR B 38 42.53 10.86 27.79
N MET B 39 42.31 10.06 28.83
CA MET B 39 41.76 10.53 30.09
C MET B 39 42.84 11.00 31.05
N ASP B 40 44.11 10.95 30.62
CA ASP B 40 45.24 11.17 31.50
C ASP B 40 45.16 12.53 32.17
N GLY B 41 45.44 12.55 33.47
CA GLY B 41 45.39 13.75 34.28
C GLY B 41 44.01 14.17 34.71
N GLY B 42 42.97 13.44 34.30
CA GLY B 42 41.61 13.77 34.71
C GLY B 42 40.86 14.63 33.71
N PRO B 43 39.57 14.84 33.99
CA PRO B 43 38.74 15.58 33.03
C PRO B 43 39.23 17.00 32.74
N ASP B 44 39.70 17.73 33.75
CA ASP B 44 40.06 19.13 33.54
C ASP B 44 41.36 19.27 32.76
N ALA B 45 42.32 18.39 33.00
CA ALA B 45 43.53 18.41 32.18
C ALA B 45 43.21 18.00 30.75
N ALA B 46 42.40 16.94 30.60
CA ALA B 46 42.01 16.46 29.29
C ALA B 46 41.26 17.54 28.52
N ARG B 47 40.34 18.25 29.18
CA ARG B 47 39.69 19.38 28.52
C ARG B 47 40.69 20.49 28.20
N GLU B 48 41.72 20.67 29.02
CA GLU B 48 42.69 21.72 28.72
C GLU B 48 43.53 21.34 27.51
N ARG B 49 44.01 20.08 27.43
CA ARG B 49 44.74 19.66 26.23
C ARG B 49 43.89 19.87 24.98
N PHE B 50 42.60 19.56 25.04
CA PHE B 50 41.77 19.67 23.85
C PHE B 50 41.48 21.12 23.50
N ARG B 51 41.38 21.98 24.52
CA ARG B 51 41.10 23.38 24.26
C ARG B 51 42.30 24.09 23.67
N ALA B 52 43.50 23.57 23.95
CA ALA B 52 44.74 24.26 23.63
C ALA B 52 45.34 23.79 22.30
N LEU B 53 44.70 22.86 21.63
CA LEU B 53 45.21 22.40 20.35
C LEU B 53 45.25 23.55 19.36
N PRO B 54 46.32 23.67 18.57
CA PRO B 54 46.38 24.73 17.56
C PRO B 54 45.27 24.57 16.53
N ARG B 55 44.58 25.65 16.25
CA ARG B 55 43.47 25.59 15.30
C ARG B 55 43.52 26.79 14.38
N ARG B 56 43.23 26.55 13.10
CA ARG B 56 43.17 27.63 12.12
C ARG B 56 41.82 28.35 12.22
N GLU B 57 41.87 29.67 12.13
CA GLU B 57 40.65 30.47 12.10
C GLU B 57 39.96 30.29 10.75
N VAL B 58 38.70 29.87 10.78
CA VAL B 58 37.98 29.45 9.58
C VAL B 58 36.73 30.31 9.46
N HIS B 59 36.49 30.84 8.25
CA HIS B 59 35.29 31.59 7.87
C HIS B 59 34.89 32.58 8.96
N PRO B 60 35.73 33.57 9.25
CA PRO B 60 35.42 34.49 10.35
C PRO B 60 34.32 35.51 10.03
N GLU B 61 33.99 35.72 8.75
CA GLU B 61 32.97 36.71 8.36
C GLU B 61 31.55 36.34 8.78
N LEU B 62 31.26 35.08 9.11
CA LEU B 62 29.89 34.68 9.40
C LEU B 62 29.35 35.30 10.69
N ARG B 63 28.06 35.66 10.67
CA ARG B 63 27.39 36.14 11.87
C ARG B 63 27.22 34.98 12.85
N ALA B 64 27.65 35.18 14.09
CA ALA B 64 27.47 34.17 15.13
C ALA B 64 26.83 34.82 16.34
N GLU B 65 26.04 34.04 17.07
CA GLU B 65 25.48 34.54 18.31
C GLU B 65 25.32 33.40 19.31
N ASP B 66 25.41 33.76 20.59
CA ASP B 66 25.21 32.87 21.74
C ASP B 66 23.79 33.01 22.28
N ARG B 67 23.10 31.89 22.49
CA ARG B 67 21.75 31.91 23.07
C ARG B 67 21.60 30.73 24.02
N ILE B 68 20.51 30.75 24.78
CA ILE B 68 20.15 29.66 25.67
C ILE B 68 18.84 29.09 25.14
N VAL B 69 18.85 27.80 24.83
CA VAL B 69 17.70 27.15 24.23
C VAL B 69 17.29 26.00 25.14
N GLU B 70 16.08 26.12 25.71
CA GLU B 70 15.55 25.16 26.67
C GLU B 70 16.56 24.86 27.77
N GLY B 71 17.24 25.91 28.23
CA GLY B 71 18.22 25.81 29.29
C GLY B 71 19.59 25.34 28.84
N VAL B 72 19.75 24.99 27.58
CA VAL B 72 21.02 24.47 27.05
C VAL B 72 21.75 25.63 26.38
N PRO B 73 23.00 25.89 26.75
CA PRO B 73 23.76 26.90 26.01
C PRO B 73 24.02 26.42 24.58
N VAL B 74 23.92 27.36 23.65
CA VAL B 74 23.91 27.06 22.24
C VAL B 74 24.71 28.18 21.60
N ARG B 75 25.28 27.92 20.42
CA ARG B 75 25.80 28.99 19.58
C ARG B 75 25.31 28.79 18.15
N ILE B 76 24.79 29.87 17.58
CA ILE B 76 24.08 29.87 16.31
C ILE B 76 24.93 30.63 15.30
N TYR B 77 25.09 30.07 14.10
CA TYR B 77 25.91 30.66 13.06
C TYR B 77 25.06 30.93 11.83
N TRP B 78 25.34 32.04 11.13
CA TRP B 78 24.48 32.20 9.98
C TRP B 78 25.26 32.05 8.68
N PRO B 79 24.66 31.43 7.67
CA PRO B 79 25.36 31.30 6.40
C PRO B 79 25.37 32.64 5.68
N PRO B 80 26.15 32.76 4.60
CA PRO B 80 26.12 34.01 3.81
C PRO B 80 24.71 34.34 3.34
N GLU B 81 24.35 35.63 3.45
CA GLU B 81 22.99 36.02 3.10
C GLU B 81 22.71 35.68 1.64
N SER B 82 21.52 35.14 1.40
CA SER B 82 21.11 34.70 0.08
C SER B 82 19.66 35.06 -0.11
N SER B 83 19.22 34.97 -1.35
CA SER B 83 17.80 35.16 -1.64
C SER B 83 16.95 34.09 -0.97
N GLN B 84 17.42 32.85 -1.01
CA GLN B 84 16.69 31.72 -0.44
C GLN B 84 16.72 31.73 1.09
N THR B 85 15.61 31.27 1.69
CA THR B 85 15.60 31.00 3.13
C THR B 85 16.44 29.76 3.41
N PRO B 86 17.40 29.81 4.33
CA PRO B 86 18.33 28.69 4.50
C PRO B 86 17.71 27.59 5.33
N PRO B 87 18.21 26.35 5.18
CA PRO B 87 17.84 25.30 6.12
C PRO B 87 18.60 25.46 7.43
N VAL B 88 18.19 24.67 8.42
CA VAL B 88 18.79 24.75 9.74
C VAL B 88 19.44 23.40 10.06
N LEU B 89 20.63 23.46 10.64
CA LEU B 89 21.40 22.26 10.94
C LEU B 89 21.87 22.30 12.38
N LEU B 90 21.61 21.23 13.12
CA LEU B 90 22.12 21.11 14.48
C LEU B 90 23.45 20.39 14.44
N PHE B 91 24.43 20.91 15.17
CA PHE B 91 25.74 20.28 15.24
C PHE B 91 26.02 19.88 16.68
N PHE B 92 26.37 18.62 16.89
CA PHE B 92 26.69 18.08 18.20
C PHE B 92 28.17 17.74 18.18
N HIS B 93 28.97 18.55 18.86
CA HIS B 93 30.42 18.39 18.85
C HIS B 93 30.82 17.07 19.53
N GLY B 94 32.03 16.61 19.22
CA GLY B 94 32.61 15.42 19.81
C GLY B 94 33.51 15.74 20.99
N GLY B 95 34.32 14.76 21.39
CA GLY B 95 35.16 14.95 22.56
C GLY B 95 34.96 13.88 23.63
N GLY B 96 34.60 12.69 23.20
CA GLY B 96 34.47 11.55 24.08
C GLY B 96 33.41 11.67 25.15
N TRP B 97 32.41 12.55 24.95
CA TRP B 97 31.35 12.88 25.90
C TRP B 97 31.92 13.55 27.16
N VAL B 98 33.22 13.88 27.16
CA VAL B 98 33.90 14.44 28.31
C VAL B 98 34.51 15.80 27.98
N VAL B 99 35.20 15.90 26.84
CA VAL B 99 35.86 17.16 26.50
C VAL B 99 35.09 17.81 25.35
N GLY B 100 35.53 18.98 24.92
CA GLY B 100 34.86 19.74 23.90
C GLY B 100 33.94 20.80 24.48
N ASP B 101 33.70 21.83 23.67
CA ASP B 101 32.95 23.02 24.04
C ASP B 101 32.74 23.84 22.77
N LEU B 102 31.88 24.86 22.86
CA LEU B 102 31.57 25.66 21.68
C LEU B 102 32.80 26.40 21.14
N ASP B 103 33.73 26.77 22.01
CA ASP B 103 34.86 27.57 21.51
C ASP B 103 35.82 26.73 20.68
N SER B 104 36.15 25.50 21.12
CA SER B 104 37.06 24.67 20.37
C SER B 104 36.44 24.10 19.09
N TYR B 105 35.11 24.11 18.97
CA TYR B 105 34.43 23.66 17.75
C TYR B 105 33.87 24.82 16.96
N ASP B 106 34.30 26.04 17.28
CA ASP B 106 33.78 27.24 16.61
C ASP B 106 34.01 27.18 15.10
N GLY B 107 35.23 26.86 14.67
CA GLY B 107 35.52 26.80 13.24
C GLY B 107 34.79 25.67 12.55
N THR B 108 34.72 24.50 13.19
CA THR B 108 33.99 23.35 12.65
C THR B 108 32.52 23.70 12.41
N ALA B 109 31.90 24.43 13.32
CA ALA B 109 30.52 24.81 13.10
C ALA B 109 30.42 25.79 11.94
N ARG B 110 31.37 26.74 11.86
CA ARG B 110 31.38 27.68 10.74
C ARG B 110 31.60 26.98 9.41
N ALA B 111 32.50 25.99 9.38
CA ALA B 111 32.70 25.24 8.15
C ALA B 111 31.40 24.60 7.69
N HIS B 112 30.61 24.05 8.63
CA HIS B 112 29.31 23.49 8.30
C HIS B 112 28.36 24.56 7.76
N ALA B 113 28.28 25.72 8.42
CA ALA B 113 27.37 26.76 7.96
C ALA B 113 27.68 27.18 6.53
N ALA B 114 28.97 27.39 6.25
CA ALA B 114 29.43 27.85 4.95
C ALA B 114 29.28 26.77 3.88
N GLY B 115 29.69 25.54 4.21
CA GLY B 115 29.66 24.48 3.21
C GLY B 115 28.26 23.99 2.91
N VAL B 116 27.40 23.89 3.93
CA VAL B 116 26.03 23.44 3.75
C VAL B 116 25.11 24.60 3.39
N GLY B 117 25.52 25.84 3.67
CA GLY B 117 24.68 26.99 3.45
C GLY B 117 23.53 27.07 4.43
N ALA B 118 23.73 26.59 5.64
CA ALA B 118 22.64 26.47 6.59
C ALA B 118 22.93 27.28 7.86
N VAL B 119 21.85 27.65 8.53
CA VAL B 119 21.94 28.12 9.91
C VAL B 119 22.34 26.93 10.76
N VAL B 120 23.41 27.08 11.54
CA VAL B 120 23.96 25.98 12.32
C VAL B 120 23.76 26.28 13.79
N VAL B 121 23.18 25.33 14.52
CA VAL B 121 22.98 25.42 15.95
C VAL B 121 23.93 24.44 16.61
N SER B 122 25.00 24.95 17.18
CA SER B 122 25.95 24.14 17.91
C SER B 122 25.48 24.06 19.37
N VAL B 123 25.41 22.85 19.91
CA VAL B 123 24.85 22.61 21.25
C VAL B 123 25.99 22.40 22.24
N ASP B 124 25.97 23.14 23.36
CA ASP B 124 26.94 22.91 24.43
C ASP B 124 26.25 22.06 25.49
N TYR B 125 26.13 20.78 25.16
CA TYR B 125 25.50 19.81 26.03
C TYR B 125 26.41 19.53 27.24
N ARG B 126 25.83 18.98 28.30
CA ARG B 126 26.56 18.64 29.52
C ARG B 126 27.46 17.42 29.33
N LEU B 127 28.60 17.43 30.03
CA LEU B 127 29.68 16.48 29.82
C LEU B 127 29.87 15.57 31.03
N ALA B 128 30.25 14.33 30.77
CA ALA B 128 30.65 13.42 31.84
C ALA B 128 32.05 13.80 32.30
N PRO B 129 32.45 13.39 33.52
CA PRO B 129 31.76 12.53 34.48
C PRO B 129 30.72 13.26 35.37
N GLU B 130 30.72 14.59 35.34
CA GLU B 130 29.78 15.34 36.19
C GLU B 130 28.34 15.14 35.77
N HIS B 131 28.07 15.05 34.48
CA HIS B 131 26.73 14.74 33.98
C HIS B 131 26.86 13.58 33.00
N PRO B 132 26.85 12.33 33.50
CA PRO B 132 27.00 11.17 32.62
C PRO B 132 25.73 10.89 31.84
N TYR B 133 25.71 9.78 31.10
CA TYR B 133 24.51 9.41 30.36
C TYR B 133 23.33 9.31 31.33
N PRO B 134 22.18 9.92 31.01
CA PRO B 134 21.80 10.50 29.73
C PRO B 134 21.79 12.02 29.60
N ALA B 135 22.64 12.77 30.32
CA ALA B 135 22.52 14.22 30.30
C ALA B 135 22.74 14.78 28.89
N ALA B 136 23.78 14.33 28.20
CA ALA B 136 24.06 14.87 26.87
C ALA B 136 22.89 14.62 25.92
N VAL B 137 22.31 13.41 25.97
CA VAL B 137 21.24 13.07 25.05
C VAL B 137 20.04 13.99 25.25
N GLU B 138 19.68 14.25 26.52
CA GLU B 138 18.55 15.14 26.80
C GLU B 138 18.82 16.56 26.33
N ASP B 139 20.07 17.01 26.42
CA ASP B 139 20.39 18.37 26.01
C ASP B 139 20.27 18.54 24.49
N VAL B 140 20.88 17.64 23.72
CA VAL B 140 20.81 17.76 22.28
C VAL B 140 19.37 17.57 21.80
N TRP B 141 18.62 16.65 22.44
CA TRP B 141 17.24 16.43 22.03
C TRP B 141 16.35 17.61 22.41
N ALA B 142 16.57 18.20 23.59
CA ALA B 142 15.80 19.37 23.97
C ALA B 142 15.95 20.51 22.95
N VAL B 143 17.19 20.77 22.50
CA VAL B 143 17.41 21.83 21.52
C VAL B 143 16.86 21.41 20.16
N THR B 144 16.99 20.12 19.80
CA THR B 144 16.47 19.64 18.53
C THR B 144 14.96 19.85 18.44
N ARG B 145 14.23 19.49 19.50
CA ARG B 145 12.79 19.68 19.52
C ARG B 145 12.42 21.15 19.36
N TRP B 146 13.15 22.03 20.05
CA TRP B 146 12.83 23.45 19.99
C TRP B 146 13.07 24.02 18.60
N VAL B 147 14.19 23.64 17.95
CA VAL B 147 14.43 24.16 16.61
C VAL B 147 13.35 23.70 15.65
N ALA B 148 12.83 22.48 15.83
CA ALA B 148 11.81 21.98 14.91
C ALA B 148 10.55 22.84 14.93
N ALA B 149 10.27 23.52 16.05
CA ALA B 149 9.10 24.37 16.17
C ALA B 149 9.40 25.86 16.00
N HIS B 150 10.63 26.31 16.24
CA HIS B 150 10.93 27.73 16.30
C HIS B 150 12.03 28.14 15.33
N ALA B 151 12.30 27.33 14.31
CA ALA B 151 13.37 27.67 13.37
C ALA B 151 13.06 28.91 12.55
N ALA B 152 11.78 29.31 12.47
CA ALA B 152 11.45 30.55 11.76
C ALA B 152 12.00 31.78 12.47
N GLU B 153 12.12 31.76 13.81
CA GLU B 153 12.69 32.91 14.51
C GLU B 153 14.16 33.10 14.22
N LEU B 154 14.81 32.14 13.60
CA LEU B 154 16.21 32.24 13.22
C LEU B 154 16.40 32.58 11.75
N GLY B 155 15.31 32.73 11.00
CA GLY B 155 15.42 32.90 9.57
C GLY B 155 15.57 31.61 8.82
N ALA B 156 15.18 30.48 9.40
CA ALA B 156 15.35 29.20 8.75
C ALA B 156 14.01 28.61 8.32
N ASP B 157 14.07 27.64 7.42
CA ASP B 157 12.90 26.96 6.91
C ASP B 157 12.56 25.79 7.85
N PRO B 158 11.43 25.81 8.54
CA PRO B 158 11.11 24.70 9.46
C PRO B 158 10.95 23.34 8.77
N ALA B 159 10.82 23.30 7.45
CA ALA B 159 10.69 22.05 6.73
C ALA B 159 12.03 21.42 6.34
N ARG B 160 13.16 22.07 6.65
CA ARG B 160 14.48 21.61 6.21
C ARG B 160 15.43 21.60 7.41
N ILE B 161 15.48 20.47 8.10
CA ILE B 161 16.27 20.29 9.30
C ILE B 161 17.17 19.07 9.13
N ALA B 162 18.37 19.15 9.68
CA ALA B 162 19.31 18.03 9.65
C ALA B 162 20.11 18.04 10.94
N VAL B 163 20.79 16.92 11.21
CA VAL B 163 21.68 16.82 12.37
C VAL B 163 23.03 16.38 11.87
N ALA B 164 24.07 16.90 12.52
CA ALA B 164 25.45 16.55 12.26
C ALA B 164 26.18 16.46 13.59
N GLY B 165 27.15 15.57 13.66
CA GLY B 165 28.00 15.45 14.83
C GLY B 165 29.20 14.62 14.47
N ASP B 166 30.28 14.80 15.24
CA ASP B 166 31.50 14.03 15.02
C ASP B 166 31.85 13.19 16.23
N SER B 167 32.28 11.95 15.99
CA SER B 167 32.81 11.04 17.02
C SER B 167 31.75 10.79 18.10
N ALA B 168 31.98 11.19 19.36
CA ALA B 168 30.94 11.05 20.38
C ALA B 168 29.70 11.85 20.01
N GLY B 169 29.88 13.00 19.35
CA GLY B 169 28.75 13.75 18.84
C GLY B 169 28.09 13.09 17.65
N GLY B 170 28.82 12.24 16.94
CA GLY B 170 28.19 11.44 15.90
C GLY B 170 27.25 10.44 16.53
N ASN B 171 27.65 9.84 17.64
CA ASN B 171 26.76 9.00 18.42
C ASN B 171 25.53 9.80 18.87
N LEU B 172 25.74 11.03 19.34
CA LEU B 172 24.61 11.88 19.72
C LEU B 172 23.74 12.20 18.51
N ALA B 173 24.35 12.42 17.36
CA ALA B 173 23.57 12.74 16.16
C ALA B 173 22.75 11.53 15.69
N ALA B 174 23.35 10.34 15.73
CA ALA B 174 22.60 9.14 15.34
C ALA B 174 21.43 8.91 16.29
N VAL B 175 21.66 9.10 17.59
CA VAL B 175 20.61 8.95 18.58
C VAL B 175 19.51 9.98 18.37
N VAL B 176 19.86 11.24 18.09
CA VAL B 176 18.82 12.24 17.91
C VAL B 176 17.97 11.92 16.68
N ALA B 177 18.59 11.35 15.64
CA ALA B 177 17.82 11.00 14.45
C ALA B 177 16.80 9.92 14.77
N LEU B 178 17.13 9.04 15.72
CA LEU B 178 16.17 8.06 16.21
C LEU B 178 15.10 8.71 17.07
N LEU B 179 15.49 9.64 17.96
CA LEU B 179 14.49 10.33 18.77
C LEU B 179 13.57 11.17 17.90
N ALA B 180 14.12 11.79 16.86
CA ALA B 180 13.30 12.63 16.00
C ALA B 180 12.26 11.79 15.25
N ARG B 181 12.65 10.61 14.78
CA ARG B 181 11.68 9.76 14.09
C ARG B 181 10.55 9.35 15.03
N ASP B 182 10.88 9.00 16.29
CA ASP B 182 9.87 8.55 17.23
C ASP B 182 9.00 9.69 17.75
N ALA B 183 9.48 10.93 17.72
CA ALA B 183 8.75 12.08 18.25
C ALA B 183 8.13 12.93 17.17
N GLY B 184 8.26 12.54 15.90
CA GLY B 184 7.65 13.25 14.80
C GLY B 184 8.34 14.51 14.33
N VAL B 185 9.64 14.66 14.61
CA VAL B 185 10.46 15.73 14.03
C VAL B 185 11.10 15.19 12.77
N ARG B 186 10.77 15.77 11.63
CA ARG B 186 11.23 15.22 10.36
C ARG B 186 12.57 15.84 9.97
N LEU B 187 13.58 14.99 9.84
CA LEU B 187 14.92 15.38 9.47
C LEU B 187 15.16 14.96 8.03
N ARG B 188 15.82 15.85 7.27
CA ARG B 188 16.15 15.55 5.88
C ARG B 188 17.43 14.73 5.78
N ALA B 189 18.30 14.82 6.78
CA ALA B 189 19.56 14.11 6.73
C ALA B 189 20.21 14.02 8.10
N GLN B 190 21.11 13.06 8.24
CA GLN B 190 22.01 12.95 9.38
C GLN B 190 23.42 12.76 8.83
N LEU B 191 24.32 13.67 9.18
CA LEU B 191 25.74 13.58 8.83
C LEU B 191 26.50 13.10 10.06
N LEU B 192 27.08 11.91 10.00
CA LEU B 192 27.84 11.32 11.11
C LEU B 192 29.32 11.26 10.74
N TRP B 193 30.14 12.11 11.36
CA TRP B 193 31.58 12.06 11.15
C TRP B 193 32.14 11.01 12.09
N TYR B 194 32.75 9.97 11.52
CA TYR B 194 33.43 8.89 12.23
C TYR B 194 32.75 8.60 13.57
N PRO B 195 31.53 8.08 13.57
CA PRO B 195 30.75 8.01 14.81
C PRO B 195 31.00 6.80 15.69
N ALA B 196 30.33 6.79 16.83
CA ALA B 196 30.35 5.68 17.78
C ALA B 196 28.94 5.13 17.94
N THR B 197 28.45 4.43 16.91
CA THR B 197 27.06 3.94 16.93
C THR B 197 26.92 2.58 17.58
N THR B 198 27.81 1.64 17.24
CA THR B 198 27.91 0.41 18.01
C THR B 198 28.92 0.67 19.12
N TRP B 199 28.82 -0.08 20.20
CA TRP B 199 29.84 0.02 21.24
C TRP B 199 30.64 -1.27 21.37
N ASP B 200 30.99 -1.86 20.24
CA ASP B 200 31.68 -3.15 20.18
C ASP B 200 33.18 -2.89 19.97
N THR B 201 33.98 -3.09 21.02
CA THR B 201 35.43 -2.94 20.84
C THR B 201 36.04 -4.12 20.08
N SER B 202 35.22 -5.11 19.71
CA SER B 202 35.65 -6.29 18.96
C SER B 202 35.72 -6.04 17.46
N LEU B 203 35.32 -4.87 16.97
CA LEU B 203 35.35 -4.61 15.55
C LEU B 203 36.76 -4.78 14.99
N ALA B 204 36.84 -5.21 13.74
CA ALA B 204 38.14 -5.52 13.15
C ALA B 204 39.02 -4.28 13.18
N SER B 205 38.41 -3.10 12.97
CA SER B 205 39.21 -1.89 12.93
C SER B 205 39.82 -1.57 14.30
N PHE B 206 39.17 -1.97 15.40
CA PHE B 206 39.79 -1.73 16.72
C PHE B 206 41.09 -2.50 16.85
N THR B 207 41.23 -3.61 16.14
CA THR B 207 42.46 -4.39 16.15
C THR B 207 43.42 -3.95 15.06
N GLU B 208 42.90 -3.60 13.88
CA GLU B 208 43.74 -3.10 12.79
C GLU B 208 44.47 -1.82 13.19
N ASN B 209 43.79 -0.92 13.89
CA ASN B 209 44.30 0.40 14.26
C ASN B 209 44.28 0.60 15.76
N ALA B 210 44.66 -0.42 16.54
CA ALA B 210 44.53 -0.31 17.99
C ALA B 210 45.43 0.76 18.58
N ASP B 211 46.49 1.11 17.85
CA ASP B 211 47.50 2.08 18.24
C ASP B 211 47.45 3.28 17.29
N ALA B 212 46.23 3.73 16.98
CA ALA B 212 46.00 4.73 15.95
C ALA B 212 46.36 6.13 16.40
N PRO B 213 46.64 7.02 15.44
CA PRO B 213 47.21 8.34 15.79
C PRO B 213 46.42 9.20 16.77
N ILE B 214 45.11 9.36 16.60
CA ILE B 214 44.38 10.30 17.45
C ILE B 214 43.66 9.59 18.59
N LEU B 215 43.14 8.40 18.32
CA LEU B 215 42.28 7.66 19.24
C LEU B 215 42.73 6.20 19.34
N GLY B 216 42.89 5.71 20.57
CA GLY B 216 43.13 4.31 20.81
C GLY B 216 41.92 3.67 21.45
N ARG B 217 42.09 2.40 21.84
CA ARG B 217 40.93 1.74 22.44
C ARG B 217 40.86 1.85 23.95
N ARG B 218 41.97 1.92 24.69
CA ARG B 218 41.80 2.22 26.11
C ARG B 218 41.15 3.59 26.22
N ALA B 219 41.49 4.49 25.31
CA ALA B 219 40.86 5.80 25.34
C ALA B 219 39.36 5.67 25.10
N VAL B 220 38.96 4.87 24.10
CA VAL B 220 37.54 4.60 23.86
C VAL B 220 36.90 4.03 25.11
N GLY B 221 37.57 3.06 25.74
CA GLY B 221 37.04 2.47 26.97
C GLY B 221 36.98 3.45 28.13
N SER B 222 37.98 4.30 28.24
CA SER B 222 38.03 5.28 29.33
C SER B 222 36.87 6.27 29.21
N PHE B 223 36.62 6.79 28.01
CA PHE B 223 35.53 7.74 27.83
C PHE B 223 34.18 7.04 27.87
N SER B 224 34.09 5.84 27.27
CA SER B 224 32.84 5.10 27.35
C SER B 224 32.45 4.86 28.80
N THR B 225 33.42 4.51 29.63
CA THR B 225 33.13 4.26 31.03
C THR B 225 32.72 5.53 31.78
N LEU B 226 33.36 6.67 31.52
CA LEU B 226 32.88 7.82 32.27
C LEU B 226 31.49 8.25 31.83
N TYR B 227 31.12 8.02 30.57
CA TYR B 227 29.83 8.48 30.07
C TYR B 227 28.68 7.64 30.62
N ALA B 228 28.79 6.32 30.57
CA ALA B 228 27.67 5.44 30.90
C ALA B 228 28.17 4.27 31.73
N ALA B 229 28.72 4.58 32.92
CA ALA B 229 29.37 3.54 33.71
C ALA B 229 28.37 2.52 34.22
N ASP B 230 27.14 2.95 34.49
CA ASP B 230 26.16 2.17 35.26
C ASP B 230 25.05 1.62 34.36
N ILE B 231 25.39 1.34 33.11
CA ILE B 231 24.49 0.67 32.17
C ILE B 231 25.05 -0.73 31.93
N ASP B 232 24.17 -1.72 32.00
CA ASP B 232 24.57 -3.06 31.58
C ASP B 232 24.71 -3.04 30.07
N LEU B 233 25.89 -3.36 29.56
CA LEU B 233 26.16 -3.26 28.13
C LEU B 233 25.77 -4.50 27.34
N SER B 234 25.24 -5.54 27.99
CA SER B 234 24.66 -6.66 27.26
C SER B 234 23.35 -6.25 26.59
N ASP B 235 22.53 -5.44 27.28
CA ASP B 235 21.27 -4.91 26.74
C ASP B 235 21.16 -3.42 27.11
N PRO B 236 21.94 -2.57 26.44
CA PRO B 236 21.88 -1.13 26.71
C PRO B 236 20.74 -0.47 25.95
N PRO B 237 20.31 0.72 26.38
CA PRO B 237 19.25 1.43 25.65
C PRO B 237 19.76 1.97 24.32
N ALA B 238 18.83 2.09 23.37
CA ALA B 238 19.21 2.57 22.05
C ALA B 238 19.67 4.03 22.08
N THR B 239 19.24 4.81 23.08
CA THR B 239 19.70 6.18 23.25
C THR B 239 21.16 6.25 23.71
N LEU B 240 21.75 5.13 24.14
CA LEU B 240 23.18 5.06 24.44
C LEU B 240 23.96 4.52 23.24
N VAL B 241 23.54 3.39 22.69
CA VAL B 241 24.16 2.82 21.50
C VAL B 241 23.10 2.67 20.42
N PRO B 242 23.07 3.57 19.43
CA PRO B 242 21.99 3.58 18.44
C PRO B 242 21.90 2.34 17.59
N ALA B 243 23.04 1.65 17.37
CA ALA B 243 23.07 0.44 16.54
C ALA B 243 22.24 -0.68 17.13
N ARG B 244 21.83 -0.52 18.39
CA ARG B 244 21.04 -1.51 19.11
C ARG B 244 19.55 -1.20 19.13
N ALA B 245 19.08 -0.34 18.23
CA ALA B 245 17.67 -0.01 18.18
C ALA B 245 16.81 -1.17 17.69
N ALA B 246 15.55 -1.19 18.13
CA ALA B 246 14.61 -2.21 17.67
C ALA B 246 14.47 -2.18 16.15
N THR B 247 14.29 -0.99 15.60
CA THR B 247 14.33 -0.80 14.16
C THR B 247 14.91 0.58 13.86
N LEU B 248 15.73 0.64 12.82
CA LEU B 248 16.23 1.91 12.32
C LEU B 248 15.40 2.44 11.17
N ALA B 249 14.33 1.74 10.82
CA ALA B 249 13.50 2.15 9.69
C ALA B 249 12.83 3.49 9.98
N GLY B 250 12.81 4.36 8.97
CA GLY B 250 12.21 5.66 9.10
C GLY B 250 13.14 6.79 9.50
N VAL B 251 14.39 6.48 9.90
CA VAL B 251 15.28 7.55 10.30
C VAL B 251 15.73 8.34 9.07
N ALA B 252 16.29 9.51 9.34
CA ALA B 252 16.75 10.38 8.28
C ALA B 252 17.82 9.68 7.43
N PRO B 253 17.87 9.99 6.13
CA PRO B 253 18.94 9.47 5.29
C PRO B 253 20.31 9.85 5.86
N ALA B 254 21.30 8.98 5.65
CA ALA B 254 22.58 9.11 6.33
C ALA B 254 23.72 9.34 5.37
N TYR B 255 24.59 10.27 5.73
CA TYR B 255 25.93 10.38 5.18
C TYR B 255 26.93 10.12 6.29
N ILE B 256 27.77 9.09 6.12
CA ILE B 256 28.68 8.63 7.16
C ILE B 256 30.10 8.74 6.63
N ALA B 257 30.88 9.63 7.24
CA ALA B 257 32.24 9.93 6.83
C ALA B 257 33.20 9.20 7.78
N VAL B 258 33.98 8.29 7.21
CA VAL B 258 34.80 7.35 7.96
C VAL B 258 36.26 7.58 7.56
N ALA B 259 37.20 7.19 8.44
CA ALA B 259 38.63 7.38 8.19
C ALA B 259 39.42 6.07 8.33
N GLY B 260 40.40 5.87 7.44
CA GLY B 260 41.06 4.57 7.36
C GLY B 260 41.84 4.19 8.61
N TYR B 261 42.56 5.13 9.20
CA TYR B 261 43.44 4.84 10.34
C TYR B 261 42.74 5.12 11.67
N ASP B 262 41.47 4.80 11.70
CA ASP B 262 40.60 5.05 12.83
C ASP B 262 40.18 3.72 13.39
N PRO B 263 40.34 3.47 14.70
CA PRO B 263 39.81 2.22 15.28
C PRO B 263 38.29 2.11 15.19
N LEU B 264 37.57 3.22 15.06
CA LEU B 264 36.12 3.22 14.90
C LEU B 264 35.69 3.17 13.44
N ARG B 265 36.61 2.89 12.53
CA ARG B 265 36.32 2.91 11.10
C ARG B 265 35.15 1.99 10.77
N ASP B 266 35.21 0.76 11.27
CA ASP B 266 34.19 -0.23 10.95
C ASP B 266 32.85 0.08 11.62
N ASP B 267 32.86 0.91 12.67
CA ASP B 267 31.62 1.28 13.36
C ASP B 267 30.67 2.02 12.41
N GLY B 268 31.15 3.07 11.76
CA GLY B 268 30.30 3.82 10.85
C GLY B 268 29.91 3.02 9.63
N ILE B 269 30.82 2.17 9.15
CA ILE B 269 30.52 1.34 8.00
C ILE B 269 29.44 0.34 8.38
N ARG B 270 29.52 -0.19 9.60
CA ARG B 270 28.49 -1.09 10.11
C ARG B 270 27.16 -0.38 10.26
N TYR B 271 27.17 0.85 10.76
CA TYR B 271 25.91 1.57 10.91
C TYR B 271 25.23 1.81 9.57
N ALA B 272 26.01 2.07 8.51
CA ALA B 272 25.40 2.22 7.20
C ALA B 272 24.74 0.92 6.74
N GLU B 273 25.36 -0.22 7.03
CA GLU B 273 24.74 -1.50 6.68
C GLU B 273 23.43 -1.69 7.42
N LEU B 274 23.42 -1.35 8.71
CA LEU B 274 22.17 -1.46 9.45
C LEU B 274 21.11 -0.55 8.86
N LEU B 275 21.49 0.65 8.44
CA LEU B 275 20.51 1.60 7.88
C LEU B 275 19.90 1.05 6.60
N ALA B 276 20.74 0.52 5.69
CA ALA B 276 20.24 0.03 4.42
C ALA B 276 19.36 -1.20 4.61
N ALA B 277 19.71 -2.08 5.55
CA ALA B 277 18.90 -3.27 5.78
C ALA B 277 17.50 -2.92 6.31
N ASP B 278 17.33 -1.75 6.95
CA ASP B 278 16.01 -1.26 7.35
C ASP B 278 15.41 -0.29 6.33
N GLY B 279 15.96 -0.21 5.12
CA GLY B 279 15.38 0.63 4.10
C GLY B 279 15.76 2.10 4.13
N VAL B 280 16.78 2.49 4.91
CA VAL B 280 17.16 3.89 4.98
C VAL B 280 18.28 4.15 3.98
N PRO B 281 18.19 5.21 3.17
CA PRO B 281 19.32 5.58 2.31
C PRO B 281 20.54 5.95 3.13
N ALA B 282 21.68 5.31 2.83
CA ALA B 282 22.91 5.51 3.60
C ALA B 282 24.11 5.52 2.67
N GLN B 283 24.92 6.56 2.79
CA GLN B 283 26.11 6.78 1.98
C GLN B 283 27.34 6.74 2.88
N VAL B 284 28.34 5.95 2.54
CA VAL B 284 29.55 5.87 3.35
C VAL B 284 30.75 6.32 2.51
N HIS B 285 31.54 7.23 3.06
CA HIS B 285 32.80 7.61 2.45
C HIS B 285 33.93 7.27 3.40
N ASN B 286 34.93 6.56 2.90
CA ASN B 286 36.10 6.21 3.69
C ASN B 286 37.25 7.03 3.16
N ALA B 287 37.73 7.95 3.98
CA ALA B 287 38.95 8.68 3.69
C ALA B 287 40.12 7.78 4.06
N ASP B 288 40.71 7.16 3.02
CA ASP B 288 41.67 6.07 3.17
C ASP B 288 42.85 6.47 4.03
N THR B 289 43.26 7.73 3.91
CA THR B 289 44.54 8.22 4.42
C THR B 289 44.42 9.07 5.69
N LEU B 290 43.21 9.30 6.20
CA LEU B 290 43.01 10.24 7.29
C LEU B 290 42.82 9.49 8.62
N VAL B 291 42.75 10.26 9.70
CA VAL B 291 42.68 9.71 11.06
C VAL B 291 41.35 10.09 11.66
N HIS B 292 41.09 9.60 12.87
CA HIS B 292 39.93 10.04 13.62
C HIS B 292 40.00 11.54 13.89
N GLY B 293 38.85 12.21 13.87
CA GLY B 293 38.79 13.63 14.13
C GLY B 293 39.36 14.47 13.02
N TYR B 294 39.26 14.02 11.77
CA TYR B 294 39.95 14.75 10.72
C TYR B 294 39.27 16.07 10.39
N LEU B 295 38.11 16.37 10.98
CA LEU B 295 37.57 17.72 10.87
C LEU B 295 38.49 18.74 11.52
N GLY B 296 39.32 18.31 12.47
CA GLY B 296 40.26 19.22 13.08
C GLY B 296 41.32 19.72 12.13
N TYR B 297 41.43 19.16 10.94
CA TYR B 297 42.40 19.62 9.96
C TYR B 297 41.75 20.33 8.78
N TYR B 298 40.47 20.69 8.89
CA TYR B 298 39.82 21.43 7.83
C TYR B 298 40.58 22.74 7.57
N GLY B 299 40.91 22.99 6.32
CA GLY B 299 41.68 24.16 5.96
C GLY B 299 43.14 24.09 6.35
N VAL B 300 43.58 22.97 6.91
CA VAL B 300 44.98 22.78 7.28
C VAL B 300 45.61 21.68 6.45
N VAL B 301 44.98 20.52 6.40
CA VAL B 301 45.44 19.39 5.61
C VAL B 301 44.54 19.26 4.37
N PRO B 302 45.06 19.46 3.16
CA PRO B 302 44.21 19.40 1.95
C PRO B 302 43.37 18.15 1.84
N ALA B 303 43.95 16.97 2.10
CA ALA B 303 43.17 15.75 2.03
C ALA B 303 42.00 15.73 3.00
N ALA B 304 42.15 16.35 4.17
CA ALA B 304 41.05 16.41 5.12
C ALA B 304 39.99 17.41 4.65
N THR B 305 40.42 18.54 4.09
CA THR B 305 39.45 19.49 3.56
C THR B 305 38.63 18.87 2.43
N GLU B 306 39.26 18.09 1.56
CA GLU B 306 38.49 17.51 0.45
C GLU B 306 37.45 16.52 0.97
N ALA B 307 37.84 15.63 1.90
CA ALA B 307 36.86 14.69 2.47
C ALA B 307 35.71 15.43 3.13
N ALA B 308 36.01 16.47 3.91
CA ALA B 308 34.96 17.22 4.59
C ALA B 308 34.04 17.89 3.59
N ASP B 309 34.61 18.45 2.51
CA ASP B 309 33.80 19.16 1.52
C ASP B 309 32.87 18.21 0.78
N LEU B 310 33.28 16.95 0.61
CA LEU B 310 32.42 15.94 0.01
C LEU B 310 31.15 15.74 0.86
N ALA B 311 31.34 15.49 2.17
CA ALA B 311 30.20 15.32 3.06
C ALA B 311 29.35 16.57 3.14
N LEU B 312 29.98 17.75 3.19
CA LEU B 312 29.21 18.98 3.25
C LEU B 312 28.42 19.20 1.98
N ALA B 313 29.00 18.84 0.82
CA ALA B 313 28.26 19.00 -0.43
C ALA B 313 27.08 18.04 -0.45
N ALA B 314 27.29 16.81 -0.01
CA ALA B 314 26.18 15.86 0.08
C ALA B 314 25.09 16.39 1.00
N LEU B 315 25.48 16.93 2.17
CA LEU B 315 24.49 17.50 3.07
C LEU B 315 23.86 18.75 2.47
N ARG B 316 24.58 19.45 1.59
CA ARG B 316 24.00 20.60 0.91
C ARG B 316 22.91 20.18 -0.05
N GLY B 317 23.12 19.06 -0.75
CA GLY B 317 22.09 18.59 -1.66
C GLY B 317 20.87 18.08 -0.93
N ALA B 318 21.07 17.27 0.10
CA ALA B 318 19.94 16.70 0.82
C ALA B 318 19.06 17.77 1.48
N LEU B 319 19.55 19.00 1.59
CA LEU B 319 18.79 20.06 2.23
C LEU B 319 18.31 21.11 1.21
N ARG C 19 -20.78 24.10 -25.75
CA ARG C 19 -20.83 25.29 -24.90
C ARG C 19 -19.61 26.21 -25.30
N PRO C 20 -18.42 26.15 -24.66
CA PRO C 20 -17.27 26.86 -25.26
C PRO C 20 -16.87 26.23 -26.56
N ALA C 21 -16.30 27.04 -27.45
CA ALA C 21 -15.99 26.59 -28.80
C ALA C 21 -14.81 25.63 -28.79
N LEU C 22 -14.75 24.82 -29.85
CA LEU C 22 -13.61 23.95 -30.09
C LEU C 22 -12.36 24.81 -30.19
N ASP C 23 -11.27 24.31 -29.59
CA ASP C 23 -10.05 25.10 -29.51
C ASP C 23 -9.59 25.51 -30.90
N ALA C 24 -9.21 26.78 -31.05
CA ALA C 24 -8.91 27.33 -32.38
C ALA C 24 -7.73 26.61 -33.03
N ILE C 25 -6.65 26.43 -32.27
CA ILE C 25 -5.47 25.75 -32.81
C ILE C 25 -5.76 24.29 -33.07
N LEU C 26 -6.49 23.62 -32.16
CA LEU C 26 -6.88 22.23 -32.42
C LEU C 26 -7.67 22.12 -33.71
N GLU C 27 -8.51 23.10 -33.99
CA GLU C 27 -9.35 23.02 -35.16
C GLU C 27 -8.55 23.21 -36.43
N LYS C 28 -7.50 24.05 -36.38
CA LYS C 28 -6.62 24.17 -37.54
C LYS C 28 -5.89 22.85 -37.77
N VAL C 29 -5.45 22.21 -36.69
CA VAL C 29 -4.81 20.91 -36.81
C VAL C 29 -5.78 19.87 -37.33
N LEU C 30 -7.03 19.87 -36.84
CA LEU C 30 -7.96 18.85 -37.34
C LEU C 30 -8.27 19.02 -38.82
N GLU C 31 -8.22 20.24 -39.34
CA GLU C 31 -8.46 20.44 -40.77
C GLU C 31 -7.24 20.10 -41.63
N ALA C 32 -6.03 20.33 -41.10
CA ALA C 32 -4.83 20.05 -41.88
C ALA C 32 -4.67 18.56 -42.14
N VAL C 33 -4.92 17.73 -41.12
CA VAL C 33 -4.81 16.26 -41.21
C VAL C 33 -6.09 15.67 -40.63
N PRO C 34 -7.20 15.60 -41.37
CA PRO C 34 -8.47 15.13 -40.78
C PRO C 34 -8.45 13.63 -40.53
N PHE C 35 -8.66 13.26 -39.27
CA PHE C 35 -8.69 11.86 -38.86
C PHE C 35 -10.03 11.53 -38.22
N GLN C 36 -10.56 10.37 -38.56
CA GLN C 36 -11.75 9.82 -37.94
C GLN C 36 -11.46 8.36 -37.61
N LEU C 37 -11.70 7.95 -36.36
CA LEU C 37 -11.48 6.56 -36.00
C LEU C 37 -12.67 5.73 -36.46
N THR C 38 -12.49 4.94 -37.51
CA THR C 38 -13.56 4.10 -38.05
C THR C 38 -13.00 2.79 -38.52
N MET C 39 -13.90 1.86 -38.79
CA MET C 39 -13.53 0.54 -39.28
C MET C 39 -13.38 0.50 -40.81
N ASP C 40 -13.48 1.66 -41.47
CA ASP C 40 -13.56 1.69 -42.92
C ASP C 40 -12.36 1.00 -43.54
N GLY C 41 -12.64 0.14 -44.54
CA GLY C 41 -11.60 -0.60 -45.24
C GLY C 41 -11.07 -1.83 -44.51
N GLY C 42 -11.60 -2.16 -43.34
CA GLY C 42 -11.13 -3.30 -42.60
C GLY C 42 -10.04 -2.98 -41.61
N PRO C 43 -9.70 -3.96 -40.77
CA PRO C 43 -8.73 -3.72 -39.69
C PRO C 43 -7.35 -3.31 -40.18
N ASP C 44 -6.84 -3.89 -41.26
CA ASP C 44 -5.46 -3.58 -41.64
C ASP C 44 -5.34 -2.17 -42.17
N ALA C 45 -6.34 -1.73 -42.93
CA ALA C 45 -6.40 -0.35 -43.40
C ALA C 45 -6.61 0.60 -42.23
N ALA C 46 -7.48 0.23 -41.29
CA ALA C 46 -7.70 1.08 -40.12
C ALA C 46 -6.43 1.26 -39.30
N ARG C 47 -5.71 0.16 -39.05
CA ARG C 47 -4.46 0.27 -38.29
C ARG C 47 -3.44 1.13 -39.01
N GLU C 48 -3.42 1.08 -40.34
CA GLU C 48 -2.44 1.89 -41.04
C GLU C 48 -2.79 3.38 -40.98
N ARG C 49 -4.07 3.74 -41.15
CA ARG C 49 -4.45 5.15 -40.99
C ARG C 49 -4.04 5.68 -39.62
N PHE C 50 -4.15 4.84 -38.59
CA PHE C 50 -3.76 5.25 -37.25
C PHE C 50 -2.24 5.28 -37.12
N ARG C 51 -1.54 4.38 -37.80
CA ARG C 51 -0.08 4.39 -37.72
C ARG C 51 0.51 5.59 -38.45
N ALA C 52 -0.20 6.12 -39.44
CA ALA C 52 0.40 7.11 -40.33
C ALA C 52 0.17 8.54 -39.91
N LEU C 53 -0.53 8.77 -38.80
CA LEU C 53 -0.79 10.13 -38.35
C LEU C 53 0.51 10.83 -37.95
N PRO C 54 0.70 12.08 -38.35
CA PRO C 54 1.90 12.81 -37.91
C PRO C 54 1.90 13.01 -36.40
N ARG C 55 3.01 12.65 -35.77
CA ARG C 55 3.14 12.72 -34.32
C ARG C 55 4.48 13.34 -33.94
N ARG C 56 4.47 14.16 -32.90
CA ARG C 56 5.69 14.77 -32.40
C ARG C 56 6.46 13.75 -31.57
N GLU C 57 7.75 13.59 -31.84
CA GLU C 57 8.54 12.72 -31.00
C GLU C 57 8.76 13.42 -29.67
N VAL C 58 8.38 12.77 -28.58
CA VAL C 58 8.30 13.43 -27.30
C VAL C 58 9.35 12.80 -26.41
N HIS C 59 10.14 13.64 -25.75
CA HIS C 59 11.16 13.21 -24.81
C HIS C 59 11.98 12.06 -25.35
N PRO C 60 12.78 12.29 -26.41
CA PRO C 60 13.57 11.19 -26.98
C PRO C 60 14.78 10.79 -26.13
N GLU C 61 15.21 11.56 -25.10
CA GLU C 61 16.37 11.18 -24.25
C GLU C 61 16.16 9.82 -23.61
N LEU C 62 14.90 9.48 -23.36
CA LEU C 62 14.60 8.45 -22.39
C LEU C 62 15.05 7.11 -22.91
N ARG C 63 15.61 6.32 -22.02
CA ARG C 63 15.99 4.96 -22.38
C ARG C 63 14.72 4.12 -22.54
N ALA C 64 14.61 3.42 -23.67
CA ALA C 64 13.49 2.51 -23.89
C ALA C 64 14.03 1.15 -24.27
N GLU C 65 13.33 0.09 -23.87
CA GLU C 65 13.67 -1.24 -24.33
C GLU C 65 12.41 -2.09 -24.49
N ASP C 66 12.48 -2.97 -25.47
CA ASP C 66 11.44 -3.92 -25.80
C ASP C 66 11.77 -5.21 -25.07
N ARG C 67 10.75 -5.78 -24.43
CA ARG C 67 10.87 -7.06 -23.74
C ARG C 67 9.59 -7.84 -23.96
N ILE C 68 9.64 -9.13 -23.64
CA ILE C 68 8.46 -9.98 -23.64
C ILE C 68 8.28 -10.47 -22.22
N VAL C 69 7.13 -10.18 -21.64
CA VAL C 69 6.83 -10.48 -20.26
C VAL C 69 5.62 -11.39 -20.26
N GLU C 70 5.81 -12.62 -19.75
CA GLU C 70 4.75 -13.63 -19.69
C GLU C 70 4.04 -13.75 -21.05
N GLY C 71 4.85 -13.70 -22.11
CA GLY C 71 4.42 -13.89 -23.48
C GLY C 71 3.82 -12.69 -24.18
N VAL C 72 3.60 -11.59 -23.50
CA VAL C 72 3.03 -10.38 -24.11
C VAL C 72 4.18 -9.44 -24.48
N PRO C 73 4.23 -8.94 -25.70
CA PRO C 73 5.26 -7.93 -26.03
C PRO C 73 5.01 -6.66 -25.24
N VAL C 74 6.11 -6.02 -24.85
CA VAL C 74 6.05 -4.86 -23.97
C VAL C 74 7.17 -3.93 -24.41
N ARG C 75 6.99 -2.64 -24.14
CA ARG C 75 8.09 -1.68 -24.23
C ARG C 75 8.15 -0.89 -22.94
N ILE C 76 9.37 -0.74 -22.41
CA ILE C 76 9.61 -0.18 -21.08
C ILE C 76 10.42 1.11 -21.21
N TYR C 77 9.98 2.13 -20.50
CA TYR C 77 10.60 3.45 -20.56
C TYR C 77 11.09 3.88 -19.18
N TRP C 78 12.24 4.50 -19.14
CA TRP C 78 12.73 4.92 -17.84
C TRP C 78 12.69 6.44 -17.74
N PRO C 79 12.33 6.96 -16.57
CA PRO C 79 12.29 8.41 -16.38
C PRO C 79 13.69 8.98 -16.24
N PRO C 80 13.82 10.31 -16.25
CA PRO C 80 15.14 10.93 -16.03
C PRO C 80 15.77 10.46 -14.73
N GLU C 81 17.07 10.17 -14.80
CA GLU C 81 17.77 9.60 -13.66
C GLU C 81 17.63 10.52 -12.45
N SER C 82 17.39 9.91 -11.29
CA SER C 82 17.20 10.66 -10.07
C SER C 82 17.78 9.85 -8.90
N SER C 83 17.94 10.53 -7.77
CA SER C 83 18.33 9.86 -6.53
C SER C 83 17.22 8.92 -6.03
N GLN C 84 15.98 9.40 -6.03
CA GLN C 84 14.86 8.62 -5.50
C GLN C 84 14.47 7.52 -6.48
N THR C 85 14.14 6.35 -5.93
CA THR C 85 13.68 5.23 -6.74
C THR C 85 12.30 5.53 -7.32
N PRO C 86 12.11 5.34 -8.63
CA PRO C 86 10.87 5.78 -9.25
C PRO C 86 9.75 4.77 -9.04
N PRO C 87 8.50 5.20 -9.15
CA PRO C 87 7.38 4.27 -9.24
C PRO C 87 7.30 3.64 -10.62
N VAL C 88 6.38 2.70 -10.75
CA VAL C 88 6.12 2.04 -12.02
C VAL C 88 4.69 2.32 -12.41
N LEU C 89 4.48 2.57 -13.70
CA LEU C 89 3.18 2.87 -14.25
C LEU C 89 2.97 1.95 -15.43
N LEU C 90 1.85 1.24 -15.45
CA LEU C 90 1.46 0.41 -16.59
C LEU C 90 0.58 1.26 -17.51
N PHE C 91 0.88 1.18 -18.80
CA PHE C 91 0.16 1.94 -19.82
C PHE C 91 -0.51 0.99 -20.80
N PHE C 92 -1.80 1.21 -20.99
CA PHE C 92 -2.62 0.43 -21.91
C PHE C 92 -3.09 1.37 -23.01
N HIS C 93 -2.52 1.21 -24.21
CA HIS C 93 -2.84 2.08 -25.34
C HIS C 93 -4.27 1.86 -25.83
N GLY C 94 -4.84 2.90 -26.44
CA GLY C 94 -6.19 2.84 -26.98
C GLY C 94 -6.19 2.48 -28.45
N GLY C 95 -7.33 2.70 -29.09
CA GLY C 95 -7.47 2.34 -30.49
C GLY C 95 -8.67 1.46 -30.77
N GLY C 96 -9.72 1.59 -29.96
CA GLY C 96 -10.94 0.84 -30.17
C GLY C 96 -10.81 -0.66 -29.99
N TRP C 97 -9.81 -1.13 -29.25
CA TRP C 97 -9.47 -2.54 -29.06
C TRP C 97 -9.03 -3.18 -30.35
N VAL C 98 -8.88 -2.41 -31.41
CA VAL C 98 -8.59 -2.93 -32.74
C VAL C 98 -7.30 -2.34 -33.30
N VAL C 99 -7.07 -1.03 -33.15
CA VAL C 99 -5.87 -0.40 -33.72
C VAL C 99 -4.91 0.04 -32.61
N GLY C 100 -3.76 0.60 -32.99
CA GLY C 100 -2.75 1.05 -32.06
C GLY C 100 -1.67 -0.01 -31.83
N ASP C 101 -0.53 0.45 -31.34
CA ASP C 101 0.66 -0.39 -31.15
C ASP C 101 1.69 0.43 -30.38
N LEU C 102 2.78 -0.23 -29.99
CA LEU C 102 3.80 0.44 -29.17
C LEU C 102 4.40 1.66 -29.87
N ASP C 103 4.56 1.57 -31.19
CA ASP C 103 5.25 2.64 -31.93
C ASP C 103 4.38 3.87 -32.08
N SER C 104 3.09 3.68 -32.35
CA SER C 104 2.17 4.82 -32.46
C SER C 104 1.84 5.43 -31.11
N TYR C 105 2.15 4.75 -30.01
CA TYR C 105 1.96 5.35 -28.70
C TYR C 105 3.28 5.63 -28.02
N ASP C 106 4.39 5.49 -28.74
CA ASP C 106 5.71 5.65 -28.13
C ASP C 106 5.85 7.02 -27.47
N GLY C 107 5.43 8.08 -28.17
CA GLY C 107 5.54 9.41 -27.59
C GLY C 107 4.65 9.61 -26.37
N THR C 108 3.42 9.07 -26.44
CA THR C 108 2.49 9.17 -25.32
C THR C 108 3.04 8.48 -24.09
N ALA C 109 3.67 7.32 -24.28
CA ALA C 109 4.29 6.61 -23.16
C ALA C 109 5.47 7.40 -22.61
N ARG C 110 6.28 8.00 -23.47
CA ARG C 110 7.40 8.81 -22.98
C ARG C 110 6.91 10.03 -22.20
N ALA C 111 5.85 10.69 -22.69
CA ALA C 111 5.32 11.84 -21.96
C ALA C 111 4.86 11.46 -20.56
N HIS C 112 4.23 10.29 -20.41
CA HIS C 112 3.87 9.78 -19.09
C HIS C 112 5.11 9.58 -18.23
N ALA C 113 6.14 8.95 -18.80
CA ALA C 113 7.37 8.67 -18.06
C ALA C 113 8.01 9.97 -17.56
N ALA C 114 8.10 10.98 -18.43
CA ALA C 114 8.70 12.25 -18.03
C ALA C 114 7.79 13.00 -17.07
N GLY C 115 6.49 13.05 -17.37
CA GLY C 115 5.59 13.83 -16.54
C GLY C 115 5.34 13.23 -15.18
N VAL C 116 5.19 11.91 -15.11
CA VAL C 116 4.97 11.25 -13.82
C VAL C 116 6.26 10.88 -13.10
N GLY C 117 7.39 10.84 -13.80
CA GLY C 117 8.62 10.40 -13.17
C GLY C 117 8.69 8.93 -12.88
N ALA C 118 8.05 8.10 -13.70
CA ALA C 118 7.94 6.68 -13.44
C ALA C 118 8.51 5.85 -14.58
N VAL C 119 8.93 4.63 -14.24
CA VAL C 119 9.12 3.61 -15.25
C VAL C 119 7.77 3.26 -15.85
N VAL C 120 7.68 3.25 -17.17
CA VAL C 120 6.41 2.99 -17.82
C VAL C 120 6.54 1.66 -18.56
N VAL C 121 5.57 0.79 -18.35
CA VAL C 121 5.51 -0.47 -19.05
C VAL C 121 4.29 -0.37 -19.98
N SER C 122 4.55 -0.15 -21.27
CA SER C 122 3.53 -0.07 -22.30
C SER C 122 3.28 -1.45 -22.88
N VAL C 123 2.03 -1.87 -22.85
CA VAL C 123 1.68 -3.26 -23.17
C VAL C 123 1.15 -3.34 -24.59
N ASP C 124 1.68 -4.31 -25.35
CA ASP C 124 1.20 -4.58 -26.70
C ASP C 124 0.27 -5.79 -26.66
N TYR C 125 -0.95 -5.56 -26.19
CA TYR C 125 -1.92 -6.62 -26.03
C TYR C 125 -2.51 -7.07 -27.38
N ARG C 126 -3.15 -8.25 -27.36
CA ARG C 126 -3.75 -8.82 -28.56
C ARG C 126 -5.00 -8.04 -28.95
N LEU C 127 -5.21 -7.89 -30.25
CA LEU C 127 -6.20 -6.95 -30.76
C LEU C 127 -7.37 -7.66 -31.45
N ALA C 128 -8.53 -7.06 -31.31
CA ALA C 128 -9.69 -7.50 -32.06
C ALA C 128 -9.52 -7.02 -33.49
N PRO C 129 -10.20 -7.66 -34.47
CA PRO C 129 -11.15 -8.78 -34.33
C PRO C 129 -10.49 -10.16 -34.24
N GLU C 130 -9.16 -10.26 -34.47
CA GLU C 130 -8.53 -11.58 -34.52
C GLU C 130 -8.54 -12.27 -33.15
N HIS C 131 -8.32 -11.52 -32.09
CA HIS C 131 -8.38 -12.03 -30.72
C HIS C 131 -9.34 -11.15 -29.95
N PRO C 132 -10.61 -11.47 -29.97
CA PRO C 132 -11.60 -10.61 -29.31
C PRO C 132 -11.57 -10.78 -27.80
N TYR C 133 -12.48 -10.11 -27.12
CA TYR C 133 -12.59 -10.23 -25.68
C TYR C 133 -12.72 -11.70 -25.30
N PRO C 134 -11.97 -12.18 -24.31
CA PRO C 134 -11.19 -11.36 -23.37
C PRO C 134 -9.68 -11.32 -23.59
N ALA C 135 -9.22 -11.44 -24.84
CA ALA C 135 -7.79 -11.56 -25.10
C ALA C 135 -7.03 -10.34 -24.60
N ALA C 136 -7.55 -9.14 -24.87
CA ALA C 136 -6.89 -7.93 -24.41
C ALA C 136 -6.77 -7.93 -22.89
N VAL C 137 -7.83 -8.34 -22.19
CA VAL C 137 -7.84 -8.34 -20.73
C VAL C 137 -6.77 -9.26 -20.18
N GLU C 138 -6.63 -10.46 -20.77
CA GLU C 138 -5.65 -11.42 -20.29
C GLU C 138 -4.23 -10.89 -20.45
N ASP C 139 -3.97 -10.15 -21.53
CA ASP C 139 -2.61 -9.64 -21.76
C ASP C 139 -2.24 -8.52 -20.79
N VAL C 140 -3.08 -7.49 -20.68
CA VAL C 140 -2.73 -6.39 -19.79
C VAL C 140 -2.66 -6.88 -18.35
N TRP C 141 -3.54 -7.82 -17.97
CA TRP C 141 -3.54 -8.36 -16.61
C TRP C 141 -2.31 -9.19 -16.33
N ALA C 142 -1.88 -9.99 -17.30
CA ALA C 142 -0.63 -10.73 -17.12
C ALA C 142 0.54 -9.78 -16.86
N VAL C 143 0.60 -8.65 -17.58
CA VAL C 143 1.72 -7.72 -17.37
C VAL C 143 1.63 -7.02 -16.03
N THR C 144 0.42 -6.63 -15.62
CA THR C 144 0.25 -6.02 -14.31
C THR C 144 0.66 -6.98 -13.20
N ARG C 145 0.31 -8.27 -13.32
CA ARG C 145 0.75 -9.24 -12.33
C ARG C 145 2.28 -9.35 -12.27
N TRP C 146 2.97 -9.36 -13.43
CA TRP C 146 4.43 -9.52 -13.44
C TRP C 146 5.13 -8.27 -12.88
N VAL C 147 4.63 -7.08 -13.21
CA VAL C 147 5.24 -5.87 -12.68
C VAL C 147 5.03 -5.78 -11.17
N ALA C 148 3.86 -6.18 -10.69
CA ALA C 148 3.56 -6.09 -9.25
C ALA C 148 4.49 -6.94 -8.41
N ALA C 149 5.04 -8.02 -8.98
CA ALA C 149 5.97 -8.88 -8.25
C ALA C 149 7.43 -8.67 -8.60
N HIS C 150 7.73 -8.09 -9.76
CA HIS C 150 9.12 -8.01 -10.23
C HIS C 150 9.55 -6.59 -10.57
N ALA C 151 8.83 -5.57 -10.10
CA ALA C 151 9.15 -4.22 -10.54
C ALA C 151 10.54 -3.78 -10.09
N ALA C 152 11.04 -4.34 -8.98
CA ALA C 152 12.39 -4.00 -8.56
C ALA C 152 13.41 -4.44 -9.59
N GLU C 153 13.11 -5.49 -10.37
CA GLU C 153 14.00 -5.91 -11.45
C GLU C 153 14.16 -4.85 -12.53
N LEU C 154 13.32 -3.81 -12.52
CA LEU C 154 13.45 -2.70 -13.45
C LEU C 154 14.00 -1.46 -12.79
N GLY C 155 14.37 -1.53 -11.51
CA GLY C 155 14.79 -0.36 -10.77
C GLY C 155 13.67 0.47 -10.21
N ALA C 156 12.45 -0.07 -10.16
CA ALA C 156 11.30 0.63 -9.62
C ALA C 156 10.86 -0.02 -8.32
N ASP C 157 10.06 0.73 -7.56
CA ASP C 157 9.55 0.27 -6.29
C ASP C 157 8.17 -0.38 -6.45
N PRO C 158 8.02 -1.68 -6.16
CA PRO C 158 6.71 -2.33 -6.33
C PRO C 158 5.62 -1.79 -5.42
N ALA C 159 5.93 -0.96 -4.43
CA ALA C 159 4.88 -0.45 -3.55
C ALA C 159 4.18 0.79 -4.10
N ARG C 160 4.61 1.31 -5.25
CA ARG C 160 4.04 2.50 -5.88
C ARG C 160 3.80 2.12 -7.33
N ILE C 161 2.62 1.57 -7.62
CA ILE C 161 2.26 1.14 -8.96
C ILE C 161 0.92 1.78 -9.31
N ALA C 162 0.75 2.12 -10.59
CA ALA C 162 -0.51 2.66 -11.09
C ALA C 162 -0.76 2.13 -12.49
N VAL C 163 -1.95 2.38 -13.01
CA VAL C 163 -2.32 2.01 -14.36
C VAL C 163 -2.87 3.25 -15.04
N ALA C 164 -2.57 3.37 -16.35
CA ALA C 164 -3.08 4.44 -17.20
C ALA C 164 -3.47 3.86 -18.55
N GLY C 165 -4.49 4.47 -19.16
CA GLY C 165 -4.93 4.11 -20.48
C GLY C 165 -5.87 5.12 -21.09
N ASP C 166 -5.90 5.16 -22.41
CA ASP C 166 -6.76 6.07 -23.13
C ASP C 166 -7.77 5.28 -23.94
N SER C 167 -9.01 5.79 -24.00
CA SER C 167 -10.05 5.28 -24.88
C SER C 167 -10.34 3.82 -24.53
N ALA C 168 -10.13 2.85 -25.42
CA ALA C 168 -10.28 1.44 -25.07
C ALA C 168 -9.26 1.01 -24.00
N GLY C 169 -8.08 1.63 -23.98
CA GLY C 169 -7.12 1.33 -22.94
C GLY C 169 -7.55 1.85 -21.59
N GLY C 170 -8.40 2.88 -21.57
CA GLY C 170 -8.99 3.32 -20.32
C GLY C 170 -9.97 2.32 -19.75
N ASN C 171 -10.80 1.73 -20.63
CA ASN C 171 -11.61 0.59 -20.20
C ASN C 171 -10.73 -0.53 -19.67
N LEU C 172 -9.60 -0.79 -20.35
CA LEU C 172 -8.66 -1.81 -19.89
C LEU C 172 -8.04 -1.43 -18.54
N ALA C 173 -7.78 -0.14 -18.32
CA ALA C 173 -7.20 0.30 -17.05
C ALA C 173 -8.18 0.16 -15.91
N ALA C 174 -9.44 0.58 -16.14
CA ALA C 174 -10.47 0.45 -15.11
C ALA C 174 -10.67 -1.02 -14.72
N VAL C 175 -10.65 -1.92 -15.71
CA VAL C 175 -10.83 -3.34 -15.47
C VAL C 175 -9.66 -3.90 -14.65
N VAL C 176 -8.43 -3.51 -15.00
CA VAL C 176 -7.27 -4.02 -14.27
C VAL C 176 -7.29 -3.56 -12.82
N ALA C 177 -7.82 -2.36 -12.55
CA ALA C 177 -7.95 -1.90 -11.17
C ALA C 177 -8.94 -2.76 -10.39
N LEU C 178 -9.99 -3.27 -11.04
CA LEU C 178 -10.89 -4.20 -10.35
C LEU C 178 -10.22 -5.55 -10.14
N LEU C 179 -9.50 -6.04 -11.16
CA LEU C 179 -8.79 -7.30 -10.98
C LEU C 179 -7.74 -7.16 -9.90
N ALA C 180 -7.07 -6.00 -9.85
CA ALA C 180 -6.01 -5.81 -8.86
C ALA C 180 -6.56 -5.85 -7.44
N ARG C 181 -7.71 -5.22 -7.23
CA ARG C 181 -8.34 -5.22 -5.92
C ARG C 181 -8.66 -6.65 -5.46
N ASP C 182 -9.23 -7.47 -6.34
CA ASP C 182 -9.62 -8.81 -5.93
C ASP C 182 -8.47 -9.82 -5.87
N ALA C 183 -7.33 -9.51 -6.48
CA ALA C 183 -6.17 -10.40 -6.49
C ALA C 183 -5.09 -9.97 -5.52
N GLY C 184 -5.34 -8.92 -4.73
CA GLY C 184 -4.34 -8.49 -3.77
C GLY C 184 -3.18 -7.73 -4.37
N VAL C 185 -3.36 -7.14 -5.55
CA VAL C 185 -2.35 -6.25 -6.12
C VAL C 185 -2.77 -4.82 -5.75
N ARG C 186 -1.96 -4.14 -4.95
CA ARG C 186 -2.34 -2.82 -4.47
C ARG C 186 -1.84 -1.77 -5.44
N LEU C 187 -2.76 -0.99 -5.96
CA LEU C 187 -2.51 0.09 -6.90
C LEU C 187 -2.75 1.43 -6.25
N ARG C 188 -1.88 2.40 -6.52
CA ARG C 188 -2.08 3.72 -5.96
C ARG C 188 -3.07 4.57 -6.73
N ALA C 189 -3.29 4.30 -8.01
CA ALA C 189 -4.20 5.15 -8.76
C ALA C 189 -4.53 4.48 -10.08
N GLN C 190 -5.60 4.98 -10.70
CA GLN C 190 -5.94 4.66 -12.08
C GLN C 190 -6.20 5.96 -12.81
N LEU C 191 -5.42 6.20 -13.86
CA LEU C 191 -5.56 7.37 -14.72
C LEU C 191 -6.29 6.91 -15.97
N LEU C 192 -7.50 7.41 -16.19
CA LEU C 192 -8.31 7.02 -17.33
C LEU C 192 -8.43 8.20 -18.27
N TRP C 193 -7.76 8.12 -19.42
CA TRP C 193 -7.90 9.17 -20.43
C TRP C 193 -9.14 8.83 -21.26
N TYR C 194 -10.15 9.69 -21.18
CA TYR C 194 -11.40 9.64 -21.92
C TYR C 194 -11.85 8.20 -22.17
N PRO C 195 -12.20 7.42 -21.09
CA PRO C 195 -12.39 5.97 -21.24
C PRO C 195 -13.79 5.50 -21.64
N ALA C 196 -13.93 4.18 -21.86
CA ALA C 196 -15.20 3.51 -22.19
C ALA C 196 -15.53 2.47 -21.10
N THR C 197 -15.96 2.96 -19.94
CA THR C 197 -16.24 2.15 -18.77
C THR C 197 -17.69 1.67 -18.67
N THR C 198 -18.65 2.55 -18.92
CA THR C 198 -20.04 2.15 -19.09
C THR C 198 -20.25 1.88 -20.57
N TRP C 199 -21.20 1.02 -20.89
CA TRP C 199 -21.58 0.86 -22.28
C TRP C 199 -22.99 1.37 -22.49
N ASP C 200 -23.27 2.55 -21.89
CA ASP C 200 -24.60 3.15 -21.81
C ASP C 200 -24.73 4.16 -22.95
N THR C 201 -25.46 3.78 -24.00
CA THR C 201 -25.66 4.63 -25.16
C THR C 201 -26.65 5.76 -24.94
N SER C 202 -27.34 5.79 -23.80
CA SER C 202 -28.31 6.82 -23.49
C SER C 202 -27.71 8.08 -22.91
N LEU C 203 -26.42 8.09 -22.57
CA LEU C 203 -25.82 9.27 -21.96
C LEU C 203 -25.83 10.44 -22.95
N ALA C 204 -25.90 11.66 -22.38
CA ALA C 204 -26.19 12.84 -23.17
C ALA C 204 -25.16 13.09 -24.27
N SER C 205 -23.87 12.86 -23.97
CA SER C 205 -22.82 13.18 -24.94
C SER C 205 -22.90 12.32 -26.20
N PHE C 206 -23.51 11.13 -26.12
CA PHE C 206 -23.64 10.30 -27.30
C PHE C 206 -24.52 10.97 -28.35
N THR C 207 -25.46 11.80 -27.94
CA THR C 207 -26.26 12.51 -28.91
C THR C 207 -25.69 13.89 -29.21
N GLU C 208 -25.24 14.57 -28.15
CA GLU C 208 -24.66 15.90 -28.28
C GLU C 208 -23.43 15.91 -29.19
N ASN C 209 -22.62 14.86 -29.10
CA ASN C 209 -21.36 14.72 -29.82
C ASN C 209 -21.35 13.52 -30.74
N ALA C 210 -22.49 13.22 -31.38
CA ALA C 210 -22.56 12.00 -32.18
C ALA C 210 -21.70 12.06 -33.44
N ASP C 211 -21.43 13.26 -33.95
CA ASP C 211 -20.64 13.44 -35.17
C ASP C 211 -19.40 14.28 -34.90
N ALA C 212 -18.72 14.00 -33.80
CA ALA C 212 -17.61 14.79 -33.31
C ALA C 212 -16.33 14.52 -34.11
N PRO C 213 -15.31 15.40 -33.98
CA PRO C 213 -14.13 15.31 -34.85
C PRO C 213 -13.37 14.00 -34.91
N ILE C 214 -12.97 13.37 -33.81
CA ILE C 214 -12.12 12.17 -33.91
C ILE C 214 -12.91 10.88 -33.74
N LEU C 215 -13.91 10.87 -32.87
CA LEU C 215 -14.69 9.69 -32.58
C LEU C 215 -16.16 10.09 -32.61
N GLY C 216 -16.96 9.35 -33.35
CA GLY C 216 -18.39 9.56 -33.39
C GLY C 216 -19.14 8.43 -32.71
N ARG C 217 -20.46 8.51 -32.81
CA ARG C 217 -21.30 7.58 -32.08
C ARG C 217 -21.44 6.27 -32.82
N ARG C 218 -21.38 6.31 -34.16
CA ARG C 218 -21.40 5.07 -34.92
C ARG C 218 -20.13 4.26 -34.69
N ALA C 219 -18.99 4.94 -34.55
CA ALA C 219 -17.71 4.23 -34.35
C ALA C 219 -17.66 3.53 -33.00
N VAL C 220 -18.13 4.20 -31.96
CA VAL C 220 -18.13 3.61 -30.62
C VAL C 220 -18.83 2.25 -30.64
N GLY C 221 -20.02 2.20 -31.25
CA GLY C 221 -20.71 0.93 -31.36
C GLY C 221 -19.98 -0.05 -32.25
N SER C 222 -19.33 0.43 -33.33
CA SER C 222 -18.64 -0.50 -34.22
C SER C 222 -17.46 -1.18 -33.52
N PHE C 223 -16.64 -0.42 -32.81
CA PHE C 223 -15.46 -1.01 -32.19
C PHE C 223 -15.82 -1.92 -31.01
N SER C 224 -16.85 -1.55 -30.25
CA SER C 224 -17.35 -2.38 -29.16
C SER C 224 -17.84 -3.73 -29.68
N THR C 225 -18.50 -3.72 -30.84
CA THR C 225 -18.97 -4.97 -31.45
C THR C 225 -17.80 -5.84 -31.90
N LEU C 226 -16.76 -5.24 -32.50
CA LEU C 226 -15.60 -6.02 -32.92
C LEU C 226 -14.85 -6.62 -31.74
N TYR C 227 -14.85 -5.94 -30.59
CA TYR C 227 -14.15 -6.43 -29.41
C TYR C 227 -14.90 -7.57 -28.75
N ALA C 228 -16.22 -7.40 -28.57
CA ALA C 228 -17.04 -8.31 -27.79
C ALA C 228 -18.45 -8.50 -28.37
N ALA C 229 -18.55 -9.00 -29.61
CA ALA C 229 -19.85 -9.08 -30.25
C ALA C 229 -20.79 -10.07 -29.56
N ASP C 230 -20.25 -11.12 -28.97
CA ASP C 230 -21.04 -12.28 -28.58
C ASP C 230 -21.24 -12.29 -27.07
N ILE C 231 -21.18 -11.13 -26.45
CA ILE C 231 -21.44 -10.98 -25.04
C ILE C 231 -22.81 -10.32 -24.91
N ASP C 232 -23.70 -10.98 -24.16
CA ASP C 232 -24.99 -10.40 -23.84
C ASP C 232 -24.76 -9.25 -22.88
N LEU C 233 -25.17 -8.05 -23.30
CA LEU C 233 -24.93 -6.83 -22.56
C LEU C 233 -26.01 -6.54 -21.52
N SER C 234 -27.02 -7.41 -21.39
CA SER C 234 -27.99 -7.28 -20.32
C SER C 234 -27.35 -7.56 -18.98
N ASP C 235 -26.47 -8.56 -18.90
CA ASP C 235 -25.67 -8.82 -17.71
C ASP C 235 -24.25 -9.16 -18.13
N PRO C 236 -23.47 -8.14 -18.49
CA PRO C 236 -22.12 -8.38 -18.96
C PRO C 236 -21.18 -8.63 -17.80
N PRO C 237 -20.05 -9.27 -18.04
CA PRO C 237 -19.05 -9.42 -16.97
C PRO C 237 -18.37 -8.10 -16.70
N ALA C 238 -17.82 -7.96 -15.48
CA ALA C 238 -17.14 -6.71 -15.13
C ALA C 238 -15.85 -6.51 -15.92
N THR C 239 -15.19 -7.60 -16.36
CA THR C 239 -13.99 -7.43 -17.17
C THR C 239 -14.30 -6.85 -18.55
N LEU C 240 -15.57 -6.86 -18.96
CA LEU C 240 -15.93 -6.15 -20.19
C LEU C 240 -16.43 -4.73 -19.91
N VAL C 241 -17.40 -4.60 -19.00
CA VAL C 241 -17.97 -3.31 -18.65
C VAL C 241 -17.68 -3.05 -17.17
N PRO C 242 -16.65 -2.26 -16.85
CA PRO C 242 -16.27 -2.09 -15.44
C PRO C 242 -17.31 -1.39 -14.61
N ALA C 243 -18.15 -0.55 -15.23
CA ALA C 243 -19.23 0.14 -14.53
C ALA C 243 -20.31 -0.82 -14.02
N ARG C 244 -20.39 -2.05 -14.55
CA ARG C 244 -21.41 -2.99 -14.15
C ARG C 244 -20.93 -3.96 -13.09
N ALA C 245 -19.83 -3.63 -12.41
CA ALA C 245 -19.32 -4.49 -11.38
C ALA C 245 -20.27 -4.53 -10.19
N ALA C 246 -20.13 -5.57 -9.38
CA ALA C 246 -20.96 -5.69 -8.18
C ALA C 246 -20.79 -4.47 -7.28
N THR C 247 -19.53 -4.10 -7.00
CA THR C 247 -19.22 -2.87 -6.28
C THR C 247 -17.87 -2.35 -6.76
N LEU C 248 -17.76 -1.04 -6.86
CA LEU C 248 -16.49 -0.42 -7.24
C LEU C 248 -15.61 -0.10 -6.04
N ALA C 249 -16.06 -0.38 -4.82
CA ALA C 249 -15.30 -0.04 -3.62
C ALA C 249 -14.02 -0.85 -3.50
N GLY C 250 -12.95 -0.19 -3.03
CA GLY C 250 -11.66 -0.84 -2.89
C GLY C 250 -10.73 -0.68 -4.07
N VAL C 251 -11.20 -0.16 -5.21
CA VAL C 251 -10.32 0.03 -6.36
C VAL C 251 -9.48 1.27 -6.14
N ALA C 252 -8.39 1.36 -6.91
CA ALA C 252 -7.48 2.47 -6.77
C ALA C 252 -8.21 3.79 -7.07
N PRO C 253 -7.90 4.86 -6.35
CA PRO C 253 -8.50 6.16 -6.66
C PRO C 253 -8.26 6.54 -8.12
N ALA C 254 -9.16 7.34 -8.67
CA ALA C 254 -9.19 7.60 -10.08
C ALA C 254 -9.03 9.09 -10.40
N TYR C 255 -8.22 9.34 -11.42
CA TYR C 255 -8.25 10.60 -12.15
C TYR C 255 -8.78 10.28 -13.54
N ILE C 256 -9.89 10.90 -13.91
CA ILE C 256 -10.56 10.60 -15.16
C ILE C 256 -10.56 11.87 -16.01
N ALA C 257 -9.84 11.83 -17.12
CA ALA C 257 -9.68 12.98 -17.98
C ALA C 257 -10.63 12.84 -19.17
N VAL C 258 -11.58 13.76 -19.25
CA VAL C 258 -12.69 13.68 -20.17
C VAL C 258 -12.56 14.85 -21.14
N ALA C 259 -13.15 14.73 -22.33
CA ALA C 259 -13.03 15.78 -23.33
C ALA C 259 -14.40 16.27 -23.76
N GLY C 260 -14.50 17.58 -23.97
CA GLY C 260 -15.81 18.21 -24.16
C GLY C 260 -16.55 17.74 -25.40
N TYR C 261 -15.84 17.63 -26.53
CA TYR C 261 -16.47 17.30 -27.81
C TYR C 261 -16.34 15.82 -28.14
N ASP C 262 -16.44 14.95 -27.15
CA ASP C 262 -16.28 13.52 -27.29
C ASP C 262 -17.60 12.85 -27.00
N PRO C 263 -18.10 11.96 -27.87
CA PRO C 263 -19.34 11.23 -27.55
C PRO C 263 -19.22 10.40 -26.29
N LEU C 264 -18.00 10.08 -25.86
CA LEU C 264 -17.71 9.37 -24.62
C LEU C 264 -17.48 10.30 -23.44
N ARG C 265 -17.78 11.60 -23.58
CA ARG C 265 -17.52 12.55 -22.50
C ARG C 265 -18.24 12.11 -21.23
N ASP C 266 -19.55 11.87 -21.34
CA ASP C 266 -20.36 11.55 -20.16
C ASP C 266 -20.04 10.16 -19.61
N ASP C 267 -19.42 9.30 -20.40
CA ASP C 267 -19.05 7.98 -19.89
C ASP C 267 -18.10 8.08 -18.71
N GLY C 268 -17.01 8.84 -18.85
CA GLY C 268 -16.07 9.00 -17.75
C GLY C 268 -16.67 9.74 -16.57
N ILE C 269 -17.52 10.73 -16.85
CA ILE C 269 -18.17 11.48 -15.79
C ILE C 269 -19.12 10.60 -15.00
N ARG C 270 -19.87 9.74 -15.70
CA ARG C 270 -20.76 8.78 -15.05
C ARG C 270 -19.98 7.75 -14.24
N TYR C 271 -18.88 7.26 -14.80
CA TYR C 271 -18.06 6.31 -14.06
C TYR C 271 -17.48 6.93 -12.80
N ALA C 272 -17.13 8.22 -12.84
CA ALA C 272 -16.65 8.86 -11.60
C ALA C 272 -17.77 8.94 -10.55
N GLU C 273 -19.00 9.21 -10.98
CA GLU C 273 -20.11 9.21 -10.04
C GLU C 273 -20.26 7.84 -9.40
N LEU C 274 -20.12 6.78 -10.20
CA LEU C 274 -20.15 5.42 -9.65
C LEU C 274 -19.00 5.18 -8.70
N LEU C 275 -17.81 5.73 -9.00
CA LEU C 275 -16.70 5.49 -8.09
C LEU C 275 -16.93 6.19 -6.77
N ALA C 276 -17.39 7.45 -6.84
CA ALA C 276 -17.64 8.23 -5.65
C ALA C 276 -18.78 7.66 -4.83
N ALA C 277 -19.83 7.14 -5.49
CA ALA C 277 -20.94 6.56 -4.75
C ALA C 277 -20.54 5.29 -4.02
N ASP C 278 -19.52 4.58 -4.50
CA ASP C 278 -19.02 3.42 -3.77
C ASP C 278 -17.90 3.79 -2.84
N GLY C 279 -17.73 5.09 -2.56
CA GLY C 279 -16.77 5.62 -1.61
C GLY C 279 -15.34 5.82 -2.11
N VAL C 280 -15.10 5.72 -3.40
CA VAL C 280 -13.75 5.84 -3.95
C VAL C 280 -13.50 7.28 -4.37
N PRO C 281 -12.37 7.88 -4.00
CA PRO C 281 -12.06 9.23 -4.49
C PRO C 281 -11.89 9.25 -6.00
N ALA C 282 -12.58 10.20 -6.63
CA ALA C 282 -12.57 10.28 -8.08
C ALA C 282 -12.47 11.74 -8.46
N GLN C 283 -11.47 12.05 -9.25
CA GLN C 283 -11.19 13.38 -9.72
C GLN C 283 -11.50 13.41 -11.21
N VAL C 284 -12.35 14.34 -11.61
CA VAL C 284 -12.78 14.48 -13.00
C VAL C 284 -12.27 15.81 -13.52
N HIS C 285 -11.63 15.77 -14.66
CA HIS C 285 -11.26 16.97 -15.38
C HIS C 285 -11.91 16.91 -16.77
N ASN C 286 -12.63 17.97 -17.14
CA ASN C 286 -13.25 18.09 -18.46
C ASN C 286 -12.45 19.11 -19.27
N ALA C 287 -11.74 18.61 -20.29
CA ALA C 287 -11.06 19.44 -21.27
C ALA C 287 -12.14 19.95 -22.20
N ASP C 288 -12.68 21.12 -21.86
CA ASP C 288 -13.93 21.58 -22.44
C ASP C 288 -13.85 21.80 -23.95
N THR C 289 -12.68 22.18 -24.45
CA THR C 289 -12.57 22.61 -25.84
C THR C 289 -11.92 21.56 -26.72
N LEU C 290 -11.60 20.39 -26.15
CA LEU C 290 -10.82 19.34 -26.79
C LEU C 290 -11.73 18.23 -27.31
N VAL C 291 -11.12 17.26 -27.99
CA VAL C 291 -11.84 16.15 -28.61
C VAL C 291 -11.38 14.82 -28.02
N HIS C 292 -12.00 13.72 -28.45
CA HIS C 292 -11.54 12.41 -28.05
C HIS C 292 -10.12 12.19 -28.52
N GLY C 293 -9.31 11.50 -27.70
CA GLY C 293 -7.94 11.20 -28.10
C GLY C 293 -7.02 12.40 -28.12
N TYR C 294 -7.18 13.37 -27.22
CA TYR C 294 -6.37 14.57 -27.31
C TYR C 294 -4.91 14.36 -26.90
N LEU C 295 -4.56 13.18 -26.37
CA LEU C 295 -3.14 12.87 -26.18
C LEU C 295 -2.37 12.84 -27.51
N GLY C 296 -3.08 12.67 -28.63
CA GLY C 296 -2.43 12.73 -29.91
C GLY C 296 -1.88 14.10 -30.27
N TYR C 297 -2.26 15.14 -29.54
CA TYR C 297 -1.75 16.48 -29.80
C TYR C 297 -0.80 16.98 -28.72
N TYR C 298 -0.34 16.11 -27.83
CA TYR C 298 0.58 16.54 -26.80
C TYR C 298 1.83 17.14 -27.44
N GLY C 299 2.19 18.34 -26.99
CA GLY C 299 3.28 19.08 -27.59
C GLY C 299 2.96 19.69 -28.95
N VAL C 300 1.71 19.61 -29.44
CA VAL C 300 1.30 20.21 -30.71
C VAL C 300 0.21 21.26 -30.50
N VAL C 301 -0.84 20.91 -29.77
CA VAL C 301 -1.94 21.84 -29.44
C VAL C 301 -1.76 22.26 -27.98
N PRO C 302 -1.44 23.53 -27.68
CA PRO C 302 -1.12 23.90 -26.28
C PRO C 302 -2.17 23.47 -25.28
N ALA C 303 -3.44 23.71 -25.59
CA ALA C 303 -4.52 23.36 -24.70
C ALA C 303 -4.52 21.87 -24.36
N ALA C 304 -4.08 21.02 -25.29
CA ALA C 304 -4.01 19.58 -25.04
C ALA C 304 -2.85 19.24 -24.12
N THR C 305 -1.71 19.87 -24.33
CA THR C 305 -0.59 19.67 -23.43
C THR C 305 -0.93 20.16 -22.03
N GLU C 306 -1.66 21.28 -21.93
CA GLU C 306 -2.02 21.83 -20.62
C GLU C 306 -2.97 20.88 -19.88
N ALA C 307 -3.99 20.37 -20.58
CA ALA C 307 -4.88 19.36 -19.99
C ALA C 307 -4.11 18.12 -19.57
N ALA C 308 -3.27 17.60 -20.47
CA ALA C 308 -2.56 16.36 -20.17
C ALA C 308 -1.62 16.55 -18.99
N ASP C 309 -0.98 17.71 -18.92
CA ASP C 309 0.01 17.93 -17.88
C ASP C 309 -0.63 18.00 -16.48
N LEU C 310 -1.87 18.50 -16.37
CA LEU C 310 -2.56 18.45 -15.08
C LEU C 310 -2.72 17.03 -14.57
N ALA C 311 -3.32 16.18 -15.39
CA ALA C 311 -3.49 14.78 -15.00
C ALA C 311 -2.15 14.12 -14.71
N LEU C 312 -1.12 14.43 -15.49
CA LEU C 312 0.20 13.85 -15.25
C LEU C 312 0.78 14.31 -13.92
N ALA C 313 0.50 15.57 -13.54
CA ALA C 313 0.94 16.05 -12.24
C ALA C 313 0.12 15.41 -11.11
N ALA C 314 -1.19 15.31 -11.28
CA ALA C 314 -2.00 14.65 -10.25
C ALA C 314 -1.52 13.21 -10.03
N LEU C 315 -1.31 12.47 -11.12
CA LEU C 315 -0.82 11.10 -10.98
C LEU C 315 0.59 11.06 -10.40
N ARG C 316 1.39 12.11 -10.65
CA ARG C 316 2.71 12.21 -10.05
C ARG C 316 2.63 12.35 -8.54
N GLY C 317 1.66 13.14 -8.07
CA GLY C 317 1.48 13.32 -6.65
C GLY C 317 0.99 12.04 -6.00
N ALA C 318 0.05 11.35 -6.65
CA ALA C 318 -0.46 10.12 -6.07
C ALA C 318 0.61 9.06 -5.90
N LEU C 319 1.79 9.23 -6.49
CA LEU C 319 2.85 8.23 -6.44
C LEU C 319 4.09 8.72 -5.67
N ARG D 19 -7.00 -43.63 12.64
CA ARG D 19 -7.07 -43.87 14.08
C ARG D 19 -8.53 -44.03 14.57
N PRO D 20 -9.45 -43.11 14.25
CA PRO D 20 -10.87 -43.44 14.42
C PRO D 20 -11.19 -44.54 13.42
N ALA D 21 -12.14 -45.39 13.77
CA ALA D 21 -12.40 -46.57 12.96
C ALA D 21 -13.03 -46.19 11.62
N LEU D 22 -12.82 -47.06 10.63
CA LEU D 22 -13.55 -46.87 9.39
C LEU D 22 -15.05 -46.93 9.66
N ASP D 23 -15.79 -46.01 9.06
CA ASP D 23 -17.21 -45.88 9.35
C ASP D 23 -17.90 -47.23 9.14
N ALA D 24 -18.75 -47.60 10.09
CA ALA D 24 -19.31 -48.96 10.06
C ALA D 24 -20.17 -49.19 8.83
N ILE D 25 -21.05 -48.27 8.48
CA ILE D 25 -21.88 -48.46 7.29
C ILE D 25 -21.00 -48.44 6.04
N LEU D 26 -20.01 -47.54 5.99
CA LEU D 26 -19.08 -47.54 4.87
C LEU D 26 -18.37 -48.89 4.75
N GLU D 27 -18.02 -49.47 5.89
CA GLU D 27 -17.29 -50.72 5.87
C GLU D 27 -18.20 -51.86 5.43
N LYS D 28 -19.48 -51.81 5.81
CA LYS D 28 -20.44 -52.80 5.33
C LYS D 28 -20.67 -52.67 3.82
N VAL D 29 -20.74 -51.44 3.31
CA VAL D 29 -20.89 -51.21 1.87
C VAL D 29 -19.65 -51.72 1.12
N LEU D 30 -18.44 -51.43 1.62
CA LEU D 30 -17.26 -51.94 0.94
C LEU D 30 -17.12 -53.46 1.02
N GLU D 31 -17.76 -54.12 1.97
CA GLU D 31 -17.71 -55.58 1.95
C GLU D 31 -18.63 -56.12 0.85
N ALA D 32 -19.78 -55.46 0.63
CA ALA D 32 -20.65 -55.84 -0.47
C ALA D 32 -20.05 -55.51 -1.83
N VAL D 33 -19.43 -54.33 -1.95
CA VAL D 33 -18.93 -53.83 -3.22
C VAL D 33 -17.47 -53.43 -3.09
N PRO D 34 -16.54 -54.39 -3.10
CA PRO D 34 -15.13 -54.02 -2.98
C PRO D 34 -14.71 -53.40 -4.31
N PHE D 35 -14.29 -52.16 -4.25
CA PHE D 35 -13.79 -51.51 -5.44
C PHE D 35 -12.36 -51.07 -5.19
N GLN D 36 -11.53 -51.27 -6.20
CA GLN D 36 -10.17 -50.75 -6.21
C GLN D 36 -9.98 -50.06 -7.54
N LEU D 37 -9.56 -48.81 -7.49
CA LEU D 37 -9.23 -48.10 -8.71
C LEU D 37 -7.84 -48.57 -9.10
N THR D 38 -7.75 -49.33 -10.19
CA THR D 38 -6.47 -49.85 -10.66
C THR D 38 -6.44 -49.85 -12.18
N MET D 39 -5.24 -50.06 -12.72
CA MET D 39 -5.00 -50.14 -14.15
C MET D 39 -5.11 -51.55 -14.70
N ASP D 40 -5.44 -52.53 -13.85
CA ASP D 40 -5.42 -53.95 -14.22
C ASP D 40 -6.35 -54.22 -15.40
N GLY D 41 -5.86 -54.99 -16.36
CA GLY D 41 -6.61 -55.32 -17.55
C GLY D 41 -6.62 -54.26 -18.64
N GLY D 42 -5.94 -53.14 -18.44
CA GLY D 42 -5.89 -52.10 -19.44
C GLY D 42 -6.94 -51.04 -19.21
N PRO D 43 -6.85 -49.94 -19.98
CA PRO D 43 -7.75 -48.79 -19.74
C PRO D 43 -9.22 -49.10 -19.91
N ASP D 44 -9.61 -49.93 -20.87
CA ASP D 44 -11.03 -50.14 -21.10
C ASP D 44 -11.64 -51.01 -20.01
N ALA D 45 -10.87 -51.99 -19.51
CA ALA D 45 -11.35 -52.80 -18.39
C ALA D 45 -11.48 -51.96 -17.12
N ALA D 46 -10.47 -51.14 -16.81
CA ALA D 46 -10.54 -50.24 -15.66
C ALA D 46 -11.72 -49.31 -15.83
N ARG D 47 -11.90 -48.81 -17.06
CA ARG D 47 -13.06 -47.97 -17.39
C ARG D 47 -14.37 -48.74 -17.25
N GLU D 48 -14.37 -50.05 -17.56
CA GLU D 48 -15.60 -50.82 -17.33
C GLU D 48 -15.92 -51.01 -15.86
N ARG D 49 -14.93 -51.35 -15.04
CA ARG D 49 -15.20 -51.54 -13.61
C ARG D 49 -15.80 -50.29 -13.00
N PHE D 50 -15.32 -49.12 -13.42
CA PHE D 50 -15.79 -47.87 -12.85
C PHE D 50 -17.19 -47.51 -13.34
N ARG D 51 -17.53 -47.90 -14.55
CA ARG D 51 -18.78 -47.48 -15.15
C ARG D 51 -19.94 -48.29 -14.57
N ALA D 52 -19.62 -49.49 -14.12
CA ALA D 52 -20.58 -50.50 -13.71
C ALA D 52 -20.84 -50.48 -12.21
N LEU D 53 -20.21 -49.57 -11.50
CA LEU D 53 -20.38 -49.53 -10.07
C LEU D 53 -21.84 -49.21 -9.73
N PRO D 54 -22.42 -49.89 -8.75
CA PRO D 54 -23.80 -49.60 -8.36
C PRO D 54 -23.90 -48.18 -7.82
N ARG D 55 -24.87 -47.43 -8.32
CA ARG D 55 -24.98 -46.04 -7.92
C ARG D 55 -26.43 -45.67 -7.64
N ARG D 56 -26.62 -44.88 -6.58
CA ARG D 56 -27.95 -44.40 -6.20
C ARG D 56 -28.35 -43.21 -7.05
N GLU D 57 -29.58 -43.22 -7.55
CA GLU D 57 -30.05 -42.07 -8.34
C GLU D 57 -30.32 -40.90 -7.41
N VAL D 58 -29.68 -39.77 -7.72
CA VAL D 58 -29.61 -38.61 -6.84
C VAL D 58 -30.20 -37.40 -7.55
N HIS D 59 -31.12 -36.70 -6.89
CA HIS D 59 -31.74 -35.46 -7.37
C HIS D 59 -32.10 -35.56 -8.86
N PRO D 60 -32.99 -36.50 -9.22
CA PRO D 60 -33.34 -36.63 -10.64
C PRO D 60 -34.24 -35.50 -11.16
N GLU D 61 -34.78 -34.64 -10.28
CA GLU D 61 -35.70 -33.58 -10.70
C GLU D 61 -35.03 -32.50 -11.54
N LEU D 62 -33.73 -32.29 -11.38
CA LEU D 62 -33.08 -31.12 -11.96
C LEU D 62 -33.03 -31.18 -13.48
N ARG D 63 -33.18 -30.00 -14.08
CA ARG D 63 -33.08 -29.83 -15.53
C ARG D 63 -31.64 -30.05 -15.98
N ALA D 64 -31.44 -30.90 -16.99
CA ALA D 64 -30.10 -31.15 -17.51
C ALA D 64 -30.03 -30.98 -19.03
N GLU D 65 -28.82 -30.66 -19.52
CA GLU D 65 -28.48 -30.60 -20.94
C GLU D 65 -27.10 -31.10 -21.26
N ASP D 66 -27.04 -31.67 -22.45
CA ASP D 66 -25.80 -32.00 -23.11
C ASP D 66 -25.50 -30.86 -24.09
N ARG D 67 -24.28 -30.33 -24.00
CA ARG D 67 -23.79 -29.31 -24.92
C ARG D 67 -22.32 -29.57 -25.19
N ILE D 68 -21.83 -28.93 -26.24
CA ILE D 68 -20.41 -28.96 -26.60
C ILE D 68 -19.92 -27.53 -26.49
N VAL D 69 -18.89 -27.32 -25.67
CA VAL D 69 -18.41 -25.97 -25.36
C VAL D 69 -16.97 -25.88 -25.78
N GLU D 70 -16.67 -24.98 -26.72
CA GLU D 70 -15.33 -24.84 -27.26
C GLU D 70 -14.77 -26.22 -27.62
N GLY D 71 -15.64 -27.07 -28.18
CA GLY D 71 -15.23 -28.39 -28.60
C GLY D 71 -15.17 -29.43 -27.50
N VAL D 72 -15.41 -29.06 -26.25
CA VAL D 72 -15.36 -30.01 -25.15
C VAL D 72 -16.79 -30.43 -24.85
N PRO D 73 -17.10 -31.73 -24.87
CA PRO D 73 -18.45 -32.17 -24.48
C PRO D 73 -18.73 -31.91 -23.00
N VAL D 74 -19.95 -31.49 -22.74
CA VAL D 74 -20.32 -30.89 -21.48
C VAL D 74 -21.74 -31.33 -21.13
N ARG D 75 -22.03 -31.35 -19.83
CA ARG D 75 -23.41 -31.44 -19.41
C ARG D 75 -23.67 -30.40 -18.34
N ILE D 76 -24.76 -29.66 -18.51
CA ILE D 76 -25.10 -28.50 -17.68
C ILE D 76 -26.36 -28.85 -16.89
N TYR D 77 -26.34 -28.55 -15.59
CA TYR D 77 -27.44 -28.89 -14.71
C TYR D 77 -28.00 -27.61 -14.13
N TRP D 78 -29.30 -27.56 -13.99
CA TRP D 78 -29.84 -26.34 -13.43
C TRP D 78 -30.43 -26.60 -12.07
N PRO D 79 -30.26 -25.66 -11.15
CA PRO D 79 -30.84 -25.81 -9.82
C PRO D 79 -32.34 -25.55 -9.87
N PRO D 80 -33.05 -25.76 -8.76
CA PRO D 80 -34.47 -25.39 -8.73
C PRO D 80 -34.67 -23.92 -9.06
N GLU D 81 -35.64 -23.70 -9.93
CA GLU D 81 -35.93 -22.39 -10.49
C GLU D 81 -36.29 -21.43 -9.40
N SER D 82 -35.74 -20.24 -9.52
CA SER D 82 -35.70 -19.38 -8.37
C SER D 82 -36.04 -17.97 -8.77
N SER D 83 -36.38 -17.20 -7.74
CA SER D 83 -36.50 -15.77 -7.94
C SER D 83 -35.15 -15.20 -8.32
N GLN D 84 -34.10 -15.61 -7.59
CA GLN D 84 -32.77 -15.12 -7.86
C GLN D 84 -32.07 -15.85 -9.02
N THR D 85 -31.23 -15.09 -9.72
CA THR D 85 -30.29 -15.60 -10.69
C THR D 85 -29.17 -16.37 -9.98
N PRO D 86 -28.91 -17.62 -10.35
CA PRO D 86 -27.98 -18.48 -9.58
C PRO D 86 -26.52 -18.27 -10.00
N PRO D 87 -25.57 -18.65 -9.15
CA PRO D 87 -24.17 -18.69 -9.59
C PRO D 87 -23.92 -19.92 -10.47
N VAL D 88 -22.75 -19.94 -11.07
CA VAL D 88 -22.36 -21.04 -11.96
C VAL D 88 -21.13 -21.74 -11.38
N LEU D 89 -21.13 -23.06 -11.42
CA LEU D 89 -20.05 -23.85 -10.86
C LEU D 89 -19.56 -24.85 -11.90
N LEU D 90 -18.26 -24.87 -12.15
CA LEU D 90 -17.68 -25.86 -13.04
C LEU D 90 -17.21 -27.08 -12.23
N PHE D 91 -17.54 -28.28 -12.70
CA PHE D 91 -17.19 -29.51 -12.01
C PHE D 91 -16.32 -30.37 -12.90
N PHE D 92 -15.17 -30.79 -12.37
CA PHE D 92 -14.19 -31.63 -13.08
C PHE D 92 -14.09 -32.98 -12.38
N HIS D 93 -14.64 -34.01 -13.02
CA HIS D 93 -14.70 -35.34 -12.43
C HIS D 93 -13.31 -35.97 -12.27
N GLY D 94 -13.21 -36.92 -11.34
CA GLY D 94 -12.00 -37.66 -11.10
C GLY D 94 -12.00 -38.98 -11.83
N GLY D 95 -11.11 -39.87 -11.41
CA GLY D 95 -10.97 -41.15 -12.07
C GLY D 95 -9.54 -41.37 -12.49
N GLY D 96 -8.61 -40.77 -11.75
CA GLY D 96 -7.21 -40.97 -12.05
C GLY D 96 -6.77 -40.47 -13.42
N TRP D 97 -7.48 -39.50 -14.00
CA TRP D 97 -7.20 -38.98 -15.32
C TRP D 97 -7.38 -40.03 -16.42
N VAL D 98 -7.91 -41.21 -16.10
CA VAL D 98 -8.04 -42.30 -17.05
C VAL D 98 -9.49 -42.70 -17.25
N VAL D 99 -10.23 -42.92 -16.16
CA VAL D 99 -11.60 -43.41 -16.25
C VAL D 99 -12.54 -42.30 -15.81
N GLY D 100 -13.84 -42.60 -15.83
CA GLY D 100 -14.86 -41.63 -15.50
C GLY D 100 -15.38 -40.95 -16.74
N ASP D 101 -16.59 -40.43 -16.63
CA ASP D 101 -17.31 -39.82 -17.74
C ASP D 101 -18.55 -39.14 -17.18
N LEU D 102 -19.23 -38.38 -18.04
CA LEU D 102 -20.40 -37.61 -17.60
C LEU D 102 -21.49 -38.50 -17.02
N ASP D 103 -21.61 -39.74 -17.51
CA ASP D 103 -22.70 -40.59 -17.03
C ASP D 103 -22.44 -41.09 -15.62
N SER D 104 -21.22 -41.55 -15.34
CA SER D 104 -20.96 -42.09 -14.00
C SER D 104 -20.87 -40.98 -12.94
N TYR D 105 -20.70 -39.73 -13.33
CA TYR D 105 -20.62 -38.64 -12.37
C TYR D 105 -21.90 -37.81 -12.35
N ASP D 106 -22.98 -38.32 -12.97
CA ASP D 106 -24.20 -37.54 -13.10
C ASP D 106 -24.77 -37.17 -11.74
N GLY D 107 -24.93 -38.15 -10.86
CA GLY D 107 -25.50 -37.84 -9.54
C GLY D 107 -24.63 -36.87 -8.76
N THR D 108 -23.30 -37.06 -8.83
CA THR D 108 -22.36 -36.13 -8.21
C THR D 108 -22.56 -34.70 -8.71
N ALA D 109 -22.81 -34.53 -10.01
CA ALA D 109 -23.05 -33.19 -10.53
C ALA D 109 -24.37 -32.62 -10.03
N ARG D 110 -25.40 -33.47 -9.96
CA ARG D 110 -26.70 -33.03 -9.45
C ARG D 110 -26.61 -32.69 -7.98
N ALA D 111 -25.87 -33.49 -7.20
CA ALA D 111 -25.73 -33.17 -5.78
C ALA D 111 -25.12 -31.79 -5.58
N HIS D 112 -24.12 -31.44 -6.40
CA HIS D 112 -23.53 -30.10 -6.35
C HIS D 112 -24.55 -29.02 -6.72
N ALA D 113 -25.27 -29.19 -7.84
CA ALA D 113 -26.24 -28.18 -8.27
C ALA D 113 -27.33 -27.98 -7.24
N ALA D 114 -27.84 -29.08 -6.65
CA ALA D 114 -28.88 -28.98 -5.63
C ALA D 114 -28.33 -28.39 -4.34
N GLY D 115 -27.16 -28.87 -3.90
CA GLY D 115 -26.63 -28.44 -2.61
C GLY D 115 -26.04 -27.04 -2.64
N VAL D 116 -25.38 -26.67 -3.73
CA VAL D 116 -24.83 -25.33 -3.87
C VAL D 116 -25.87 -24.36 -4.42
N GLY D 117 -26.95 -24.87 -5.03
CA GLY D 117 -27.92 -23.99 -5.63
C GLY D 117 -27.43 -23.27 -6.85
N ALA D 118 -26.58 -23.91 -7.63
CA ALA D 118 -25.91 -23.29 -8.76
C ALA D 118 -26.18 -24.05 -10.04
N VAL D 119 -26.04 -23.34 -11.14
CA VAL D 119 -25.89 -23.99 -12.43
C VAL D 119 -24.54 -24.70 -12.42
N VAL D 120 -24.54 -25.97 -12.78
CA VAL D 120 -23.31 -26.75 -12.76
C VAL D 120 -22.98 -27.16 -14.19
N VAL D 121 -21.73 -26.90 -14.59
CA VAL D 121 -21.21 -27.29 -15.90
C VAL D 121 -20.20 -28.39 -15.66
N SER D 122 -20.60 -29.64 -15.90
CA SER D 122 -19.72 -30.78 -15.75
C SER D 122 -19.00 -31.02 -17.07
N VAL D 123 -17.67 -31.13 -17.02
CA VAL D 123 -16.80 -31.16 -18.20
C VAL D 123 -16.31 -32.58 -18.46
N ASP D 124 -16.45 -33.07 -19.70
CA ASP D 124 -15.94 -34.41 -20.07
C ASP D 124 -14.64 -34.23 -20.85
N TYR D 125 -13.58 -33.94 -20.09
CA TYR D 125 -12.27 -33.65 -20.67
C TYR D 125 -11.67 -34.92 -21.26
N ARG D 126 -10.64 -34.74 -22.09
CA ARG D 126 -9.97 -35.88 -22.70
C ARG D 126 -9.16 -36.63 -21.65
N LEU D 127 -9.07 -37.94 -21.81
CA LEU D 127 -8.50 -38.83 -20.79
C LEU D 127 -7.27 -39.54 -21.31
N ALA D 128 -6.30 -39.73 -20.42
CA ALA D 128 -5.11 -40.52 -20.69
C ALA D 128 -5.44 -42.02 -20.61
N PRO D 129 -4.61 -42.90 -21.21
CA PRO D 129 -3.32 -42.60 -21.87
C PRO D 129 -3.44 -42.06 -23.31
N GLU D 130 -4.63 -42.07 -23.89
CA GLU D 130 -4.76 -41.61 -25.28
C GLU D 130 -4.45 -40.13 -25.40
N HIS D 131 -4.89 -39.34 -24.43
CA HIS D 131 -4.60 -37.91 -24.39
C HIS D 131 -4.01 -37.57 -23.03
N PRO D 132 -2.69 -37.76 -22.86
CA PRO D 132 -2.08 -37.52 -21.55
C PRO D 132 -1.91 -36.03 -21.26
N TYR D 133 -1.21 -35.68 -20.18
CA TYR D 133 -0.96 -34.29 -19.88
C TYR D 133 -0.30 -33.62 -21.09
N PRO D 134 -0.79 -32.45 -21.54
CA PRO D 134 -1.78 -31.57 -20.91
C PRO D 134 -3.22 -31.59 -21.47
N ALA D 135 -3.70 -32.72 -22.00
CA ALA D 135 -5.01 -32.68 -22.67
C ALA D 135 -6.14 -32.28 -21.71
N ALA D 136 -6.17 -32.87 -20.51
CA ALA D 136 -7.24 -32.55 -19.56
C ALA D 136 -7.24 -31.07 -19.18
N VAL D 137 -6.06 -30.51 -18.92
CA VAL D 137 -5.96 -29.12 -18.49
C VAL D 137 -6.50 -28.17 -19.56
N GLU D 138 -6.17 -28.44 -20.84
CA GLU D 138 -6.65 -27.57 -21.92
C GLU D 138 -8.17 -27.60 -22.02
N ASP D 139 -8.76 -28.78 -21.88
CA ASP D 139 -10.20 -28.89 -22.04
C ASP D 139 -10.92 -28.19 -20.91
N VAL D 140 -10.56 -28.50 -19.67
CA VAL D 140 -11.28 -27.89 -18.54
C VAL D 140 -11.08 -26.38 -18.54
N TRP D 141 -9.88 -25.90 -18.89
CA TRP D 141 -9.65 -24.45 -18.94
C TRP D 141 -10.45 -23.79 -20.06
N ALA D 142 -10.53 -24.46 -21.21
CA ALA D 142 -11.31 -23.91 -22.32
C ALA D 142 -12.77 -23.65 -21.91
N VAL D 143 -13.39 -24.58 -21.17
CA VAL D 143 -14.78 -24.40 -20.75
C VAL D 143 -14.88 -23.33 -19.67
N THR D 144 -13.90 -23.27 -18.78
CA THR D 144 -13.89 -22.22 -17.76
C THR D 144 -13.81 -20.83 -18.39
N ARG D 145 -12.95 -20.65 -19.40
CA ARG D 145 -12.89 -19.35 -20.06
C ARG D 145 -14.24 -18.98 -20.68
N TRP D 146 -14.85 -19.93 -21.38
CA TRP D 146 -16.10 -19.61 -22.05
C TRP D 146 -17.20 -19.30 -21.04
N VAL D 147 -17.32 -20.10 -19.96
CA VAL D 147 -18.37 -19.82 -18.98
C VAL D 147 -18.13 -18.47 -18.30
N ALA D 148 -16.86 -18.12 -18.07
CA ALA D 148 -16.56 -16.87 -17.35
C ALA D 148 -17.06 -15.63 -18.10
N ALA D 149 -17.13 -15.72 -19.41
CA ALA D 149 -17.59 -14.60 -20.23
C ALA D 149 -19.04 -14.75 -20.63
N HIS D 150 -19.52 -15.99 -20.62
CA HIS D 150 -20.78 -16.36 -21.23
C HIS D 150 -21.78 -17.00 -20.27
N ALA D 151 -21.61 -16.80 -18.93
CA ALA D 151 -22.52 -17.47 -17.98
C ALA D 151 -23.97 -16.99 -18.18
N ALA D 152 -24.17 -15.84 -18.82
CA ALA D 152 -25.51 -15.33 -19.12
C ALA D 152 -26.29 -16.24 -20.09
N GLU D 153 -25.60 -16.96 -20.98
CA GLU D 153 -26.32 -17.89 -21.83
C GLU D 153 -26.93 -19.02 -21.07
N LEU D 154 -26.52 -19.24 -19.82
CA LEU D 154 -27.10 -20.30 -19.02
C LEU D 154 -28.05 -19.77 -17.95
N GLY D 155 -28.26 -18.46 -17.87
CA GLY D 155 -29.04 -17.95 -16.76
C GLY D 155 -28.28 -17.78 -15.47
N ALA D 156 -26.94 -17.74 -15.54
CA ALA D 156 -26.11 -17.61 -14.35
C ALA D 156 -25.46 -16.23 -14.31
N ASP D 157 -25.04 -15.84 -13.12
CA ASP D 157 -24.40 -14.55 -12.92
C ASP D 157 -22.92 -14.67 -13.24
N PRO D 158 -22.42 -13.98 -14.27
CA PRO D 158 -21.00 -14.12 -14.60
C PRO D 158 -20.07 -13.63 -13.50
N ALA D 159 -20.58 -12.93 -12.48
CA ALA D 159 -19.80 -12.46 -11.34
C ALA D 159 -19.72 -13.47 -10.19
N ARG D 160 -20.38 -14.62 -10.28
CA ARG D 160 -20.40 -15.59 -9.18
C ARG D 160 -20.10 -16.97 -9.77
N ILE D 161 -18.81 -17.29 -9.85
CA ILE D 161 -18.31 -18.52 -10.46
C ILE D 161 -17.37 -19.21 -9.50
N ALA D 162 -17.34 -20.54 -9.58
CA ALA D 162 -16.43 -21.37 -8.80
C ALA D 162 -16.04 -22.60 -9.61
N VAL D 163 -15.09 -23.37 -9.07
CA VAL D 163 -14.70 -24.67 -9.61
C VAL D 163 -14.75 -25.70 -8.48
N ALA D 164 -15.13 -26.91 -8.82
CA ALA D 164 -15.08 -28.05 -7.92
C ALA D 164 -14.56 -29.23 -8.73
N GLY D 165 -13.85 -30.13 -8.06
CA GLY D 165 -13.39 -31.36 -8.70
C GLY D 165 -12.96 -32.32 -7.63
N ASP D 166 -12.99 -33.61 -7.98
CA ASP D 166 -12.61 -34.68 -7.04
C ASP D 166 -11.43 -35.49 -7.57
N SER D 167 -10.52 -35.84 -6.66
CA SER D 167 -9.40 -36.75 -6.93
C SER D 167 -8.58 -36.15 -8.08
N ALA D 168 -8.47 -36.83 -9.22
CA ALA D 168 -7.78 -36.24 -10.36
C ALA D 168 -8.43 -34.93 -10.81
N GLY D 169 -9.75 -34.84 -10.70
CA GLY D 169 -10.44 -33.61 -11.03
C GLY D 169 -10.22 -32.50 -10.01
N GLY D 170 -9.91 -32.86 -8.77
CA GLY D 170 -9.51 -31.87 -7.79
C GLY D 170 -8.17 -31.27 -8.16
N ASN D 171 -7.28 -32.11 -8.67
CA ASN D 171 -6.06 -31.59 -9.26
C ASN D 171 -6.36 -30.65 -10.43
N LEU D 172 -7.32 -31.00 -11.28
CA LEU D 172 -7.67 -30.11 -12.37
C LEU D 172 -8.28 -28.82 -11.84
N ALA D 173 -9.08 -28.90 -10.79
CA ALA D 173 -9.73 -27.71 -10.24
C ALA D 173 -8.70 -26.76 -9.63
N ALA D 174 -7.71 -27.32 -8.93
CA ALA D 174 -6.63 -26.50 -8.40
C ALA D 174 -5.85 -25.84 -9.53
N VAL D 175 -5.62 -26.58 -10.63
CA VAL D 175 -4.88 -26.03 -11.76
C VAL D 175 -5.67 -24.90 -12.42
N VAL D 176 -6.98 -25.10 -12.62
CA VAL D 176 -7.80 -24.07 -13.25
C VAL D 176 -7.87 -22.82 -12.37
N ALA D 177 -7.86 -23.01 -11.06
CA ALA D 177 -7.93 -21.86 -10.18
C ALA D 177 -6.72 -20.95 -10.37
N LEU D 178 -5.56 -21.55 -10.62
CA LEU D 178 -4.37 -20.76 -10.93
C LEU D 178 -4.44 -20.18 -12.34
N LEU D 179 -4.91 -20.96 -13.32
CA LEU D 179 -5.05 -20.41 -14.65
C LEU D 179 -6.04 -19.24 -14.65
N ALA D 180 -7.09 -19.35 -13.84
CA ALA D 180 -8.12 -18.30 -13.80
C ALA D 180 -7.56 -17.02 -13.20
N ARG D 181 -6.77 -17.15 -12.13
CA ARG D 181 -6.15 -15.96 -11.53
C ARG D 181 -5.21 -15.30 -12.53
N ASP D 182 -4.47 -16.09 -13.30
CA ASP D 182 -3.50 -15.53 -14.24
C ASP D 182 -4.16 -14.91 -15.46
N ALA D 183 -5.41 -15.29 -15.76
CA ALA D 183 -6.14 -14.79 -16.91
C ALA D 183 -7.21 -13.76 -16.56
N GLY D 184 -7.30 -13.37 -15.30
CA GLY D 184 -8.29 -12.37 -14.94
C GLY D 184 -9.70 -12.91 -14.84
N VAL D 185 -9.86 -14.22 -14.59
CA VAL D 185 -11.16 -14.83 -14.31
C VAL D 185 -11.29 -14.90 -12.80
N ARG D 186 -12.23 -14.17 -12.23
CA ARG D 186 -12.36 -14.12 -10.79
C ARG D 186 -13.32 -15.21 -10.34
N LEU D 187 -12.82 -16.09 -9.50
CA LEU D 187 -13.59 -17.17 -8.91
C LEU D 187 -13.83 -16.82 -7.46
N ARG D 188 -15.02 -17.14 -6.94
CA ARG D 188 -15.29 -16.89 -5.54
C ARG D 188 -14.76 -18.00 -4.63
N ALA D 189 -14.52 -19.20 -5.18
CA ALA D 189 -14.04 -20.33 -4.38
C ALA D 189 -13.56 -21.43 -5.30
N GLN D 190 -12.80 -22.36 -4.71
CA GLN D 190 -12.43 -23.65 -5.32
C GLN D 190 -12.69 -24.75 -4.31
N LEU D 191 -13.55 -25.70 -4.68
CA LEU D 191 -13.85 -26.87 -3.84
C LEU D 191 -13.00 -28.02 -4.37
N LEU D 192 -12.07 -28.49 -3.55
CA LEU D 192 -11.18 -29.59 -3.91
C LEU D 192 -11.56 -30.79 -3.05
N TRP D 193 -12.19 -31.80 -3.68
CA TRP D 193 -12.50 -33.04 -2.99
C TRP D 193 -11.28 -33.95 -3.08
N TYR D 194 -10.70 -34.30 -1.94
CA TYR D 194 -9.59 -35.21 -1.77
C TYR D 194 -8.65 -35.16 -2.96
N PRO D 195 -7.99 -34.04 -3.21
CA PRO D 195 -7.26 -33.87 -4.47
C PRO D 195 -5.85 -34.44 -4.51
N ALA D 196 -5.22 -34.39 -5.68
CA ALA D 196 -3.81 -34.76 -5.89
C ALA D 196 -3.03 -33.53 -6.37
N THR D 197 -2.81 -32.57 -5.45
CA THR D 197 -2.22 -31.27 -5.76
C THR D 197 -0.69 -31.31 -5.72
N THR D 198 -0.13 -31.93 -4.70
CA THR D 198 1.29 -32.27 -4.70
C THR D 198 1.45 -33.68 -5.24
N TRP D 199 2.59 -33.94 -5.84
CA TRP D 199 2.92 -35.30 -6.23
C TRP D 199 4.05 -35.80 -5.35
N ASP D 200 3.93 -35.50 -4.05
CA ASP D 200 4.97 -35.73 -3.06
C ASP D 200 4.71 -37.09 -2.41
N THR D 201 5.51 -38.09 -2.78
CA THR D 201 5.35 -39.43 -2.24
C THR D 201 5.87 -39.57 -0.81
N SER D 202 6.51 -38.54 -0.26
CA SER D 202 7.02 -38.62 1.10
C SER D 202 5.98 -38.29 2.15
N LEU D 203 4.77 -37.88 1.75
CA LEU D 203 3.75 -37.54 2.72
C LEU D 203 3.41 -38.75 3.57
N ALA D 204 3.02 -38.48 4.83
CA ALA D 204 2.79 -39.55 5.79
C ALA D 204 1.65 -40.46 5.35
N SER D 205 0.58 -39.86 4.81
CA SER D 205 -0.60 -40.63 4.46
C SER D 205 -0.28 -41.65 3.38
N PHE D 206 0.71 -41.38 2.54
CA PHE D 206 1.05 -42.35 1.50
C PHE D 206 1.55 -43.66 2.09
N THR D 207 2.21 -43.65 3.25
CA THR D 207 2.61 -44.95 3.76
C THR D 207 1.60 -45.52 4.75
N GLU D 208 1.01 -44.68 5.60
CA GLU D 208 0.02 -45.14 6.56
C GLU D 208 -1.20 -45.76 5.89
N ASN D 209 -1.62 -45.21 4.75
CA ASN D 209 -2.81 -45.69 4.07
C ASN D 209 -2.44 -46.26 2.70
N ALA D 210 -1.29 -46.94 2.62
CA ALA D 210 -0.81 -47.45 1.35
C ALA D 210 -1.69 -48.57 0.81
N ASP D 211 -2.50 -49.16 1.69
CA ASP D 211 -3.35 -50.32 1.43
C ASP D 211 -4.81 -49.86 1.55
N ALA D 212 -5.12 -48.66 1.04
CA ALA D 212 -6.41 -48.07 1.40
C ALA D 212 -7.54 -48.71 0.62
N PRO D 213 -8.77 -48.60 1.12
CA PRO D 213 -9.87 -49.33 0.50
C PRO D 213 -10.11 -49.01 -0.96
N ILE D 214 -10.18 -47.74 -1.36
CA ILE D 214 -10.57 -47.42 -2.73
C ILE D 214 -9.35 -47.13 -3.60
N LEU D 215 -8.35 -46.48 -3.04
CA LEU D 215 -7.15 -46.11 -3.78
C LEU D 215 -5.96 -46.52 -2.94
N GLY D 216 -5.02 -47.24 -3.53
CA GLY D 216 -3.79 -47.56 -2.85
C GLY D 216 -2.66 -46.71 -3.39
N ARG D 217 -1.47 -46.99 -2.92
CA ARG D 217 -0.34 -46.20 -3.37
C ARG D 217 0.22 -46.72 -4.67
N ARG D 218 0.01 -48.00 -4.95
CA ARG D 218 0.39 -48.53 -6.24
C ARG D 218 -0.43 -47.89 -7.34
N ALA D 219 -1.74 -47.71 -7.11
CA ALA D 219 -2.62 -47.08 -8.10
C ALA D 219 -2.26 -45.62 -8.32
N VAL D 220 -1.94 -44.89 -7.24
CA VAL D 220 -1.51 -43.49 -7.36
C VAL D 220 -0.36 -43.39 -8.34
N GLY D 221 0.65 -44.25 -8.18
CA GLY D 221 1.77 -44.26 -9.10
C GLY D 221 1.38 -44.67 -10.51
N SER D 222 0.45 -45.62 -10.64
CA SER D 222 0.06 -46.10 -11.96
C SER D 222 -0.62 -45.01 -12.77
N PHE D 223 -1.59 -44.32 -12.18
CA PHE D 223 -2.34 -43.30 -12.91
C PHE D 223 -1.51 -42.06 -13.16
N SER D 224 -0.69 -41.65 -12.18
CA SER D 224 0.18 -40.50 -12.37
C SER D 224 1.10 -40.70 -13.57
N THR D 225 1.65 -41.89 -13.72
CA THR D 225 2.53 -42.17 -14.86
C THR D 225 1.75 -42.17 -16.16
N LEU D 226 0.54 -42.72 -16.19
CA LEU D 226 -0.23 -42.71 -17.44
C LEU D 226 -0.60 -41.28 -17.87
N TYR D 227 -0.82 -40.37 -16.91
CA TYR D 227 -1.21 -38.99 -17.23
C TYR D 227 -0.02 -38.19 -17.77
N ALA D 228 1.14 -38.29 -17.12
CA ALA D 228 2.33 -37.53 -17.50
C ALA D 228 3.59 -38.38 -17.34
N ALA D 229 3.68 -39.50 -18.07
CA ALA D 229 4.80 -40.43 -17.95
C ALA D 229 6.10 -39.77 -18.40
N ASP D 230 5.97 -38.80 -19.26
CA ASP D 230 6.96 -38.23 -20.15
C ASP D 230 7.35 -36.80 -19.72
N ILE D 231 7.14 -36.51 -18.44
CA ILE D 231 7.49 -35.23 -17.84
C ILE D 231 8.51 -35.49 -16.75
N ASP D 232 9.55 -34.69 -16.68
CA ASP D 232 10.44 -34.80 -15.52
C ASP D 232 9.72 -34.26 -14.29
N LEU D 233 9.54 -35.11 -13.27
CA LEU D 233 8.81 -34.71 -12.07
C LEU D 233 9.66 -34.07 -10.98
N SER D 234 10.97 -33.91 -11.22
CA SER D 234 11.79 -33.14 -10.28
C SER D 234 11.41 -31.66 -10.32
N ASP D 235 11.15 -31.13 -11.52
CA ASP D 235 10.58 -29.79 -11.69
C ASP D 235 9.55 -29.85 -12.80
N PRO D 236 8.37 -30.41 -12.50
CA PRO D 236 7.31 -30.48 -13.48
C PRO D 236 6.60 -29.14 -13.54
N PRO D 237 5.76 -28.90 -14.55
CA PRO D 237 5.03 -27.63 -14.61
C PRO D 237 3.93 -27.55 -13.55
N ALA D 238 3.56 -26.30 -13.23
CA ALA D 238 2.51 -26.07 -12.23
C ALA D 238 1.15 -26.54 -12.71
N THR D 239 0.95 -26.62 -14.03
CA THR D 239 -0.31 -27.15 -14.58
C THR D 239 -0.48 -28.65 -14.37
N LEU D 240 0.60 -29.36 -14.08
CA LEU D 240 0.55 -30.76 -13.69
C LEU D 240 0.54 -30.90 -12.17
N VAL D 241 1.44 -30.19 -11.49
CA VAL D 241 1.50 -30.21 -10.04
C VAL D 241 1.27 -28.79 -9.53
N PRO D 242 0.05 -28.48 -9.09
CA PRO D 242 -0.27 -27.09 -8.70
C PRO D 242 0.50 -26.60 -7.50
N ALA D 243 0.93 -27.51 -6.62
CA ALA D 243 1.63 -27.13 -5.39
C ALA D 243 2.96 -26.48 -5.69
N ARG D 244 3.51 -26.70 -6.90
CA ARG D 244 4.79 -26.17 -7.33
C ARG D 244 4.65 -24.91 -8.19
N ALA D 245 3.52 -24.21 -8.09
CA ALA D 245 3.46 -22.93 -8.76
C ALA D 245 4.41 -21.96 -8.05
N ALA D 246 4.84 -20.94 -8.79
CA ALA D 246 5.77 -19.96 -8.21
C ALA D 246 5.19 -19.30 -6.98
N THR D 247 3.92 -18.90 -7.05
CA THR D 247 3.19 -18.38 -5.91
C THR D 247 1.73 -18.80 -6.06
N LEU D 248 1.11 -19.14 -4.92
CA LEU D 248 -0.32 -19.41 -4.92
C LEU D 248 -1.12 -18.17 -4.57
N ALA D 249 -0.43 -17.06 -4.36
CA ALA D 249 -1.08 -15.82 -3.97
C ALA D 249 -2.05 -15.35 -5.05
N GLY D 250 -3.22 -14.87 -4.62
CA GLY D 250 -4.23 -14.41 -5.53
C GLY D 250 -5.24 -15.45 -5.95
N VAL D 251 -5.06 -16.73 -5.59
CA VAL D 251 -5.98 -17.74 -6.11
C VAL D 251 -7.28 -17.63 -5.33
N ALA D 252 -8.32 -18.24 -5.85
CA ALA D 252 -9.60 -18.26 -5.16
C ALA D 252 -9.50 -18.95 -3.79
N PRO D 253 -10.28 -18.50 -2.81
CA PRO D 253 -10.32 -19.21 -1.53
C PRO D 253 -10.71 -20.67 -1.71
N ALA D 254 -10.17 -21.53 -0.85
CA ALA D 254 -10.27 -22.97 -1.02
C ALA D 254 -10.99 -23.60 0.15
N TYR D 255 -11.85 -24.57 -0.16
CA TYR D 255 -12.32 -25.56 0.79
C TYR D 255 -11.82 -26.91 0.29
N ILE D 256 -11.06 -27.62 1.13
CA ILE D 256 -10.40 -28.87 0.74
C ILE D 256 -10.95 -29.98 1.62
N ALA D 257 -11.67 -30.92 1.00
CA ALA D 257 -12.34 -32.00 1.69
C ALA D 257 -11.51 -33.28 1.53
N VAL D 258 -10.94 -33.76 2.62
CA VAL D 258 -9.94 -34.81 2.61
C VAL D 258 -10.51 -36.01 3.40
N ALA D 259 -9.98 -37.21 3.14
CA ALA D 259 -10.53 -38.41 3.76
C ALA D 259 -9.47 -39.14 4.58
N GLY D 260 -9.89 -39.65 5.75
CA GLY D 260 -8.94 -40.17 6.72
C GLY D 260 -8.16 -41.37 6.22
N TYR D 261 -8.85 -42.33 5.61
CA TYR D 261 -8.22 -43.58 5.17
C TYR D 261 -7.78 -43.53 3.73
N ASP D 262 -7.28 -42.37 3.32
CA ASP D 262 -6.88 -42.08 1.97
C ASP D 262 -5.37 -41.87 1.92
N PRO D 263 -4.66 -42.54 1.01
CA PRO D 263 -3.23 -42.25 0.87
C PRO D 263 -2.95 -40.80 0.49
N LEU D 264 -3.91 -40.11 -0.13
CA LEU D 264 -3.77 -38.72 -0.52
C LEU D 264 -4.24 -37.74 0.54
N ARG D 265 -4.51 -38.21 1.77
CA ARG D 265 -5.08 -37.33 2.78
C ARG D 265 -4.18 -36.13 3.03
N ASP D 266 -2.89 -36.35 3.28
CA ASP D 266 -2.04 -35.24 3.64
C ASP D 266 -1.80 -34.30 2.47
N ASP D 267 -2.05 -34.76 1.25
CA ASP D 267 -1.91 -33.92 0.06
C ASP D 267 -2.81 -32.69 0.15
N GLY D 268 -4.09 -32.89 0.46
CA GLY D 268 -4.97 -31.76 0.59
C GLY D 268 -4.57 -30.87 1.75
N ILE D 269 -4.08 -31.49 2.82
CA ILE D 269 -3.68 -30.71 3.99
C ILE D 269 -2.45 -29.88 3.69
N ARG D 270 -1.47 -30.44 2.95
CA ARG D 270 -0.23 -29.75 2.53
C ARG D 270 -0.58 -28.58 1.65
N TYR D 271 -1.50 -28.81 0.68
CA TYR D 271 -1.90 -27.75 -0.20
C TYR D 271 -2.61 -26.63 0.56
N ALA D 272 -3.38 -27.00 1.59
CA ALA D 272 -4.02 -25.99 2.44
C ALA D 272 -2.97 -25.16 3.21
N GLU D 273 -1.90 -25.79 3.69
CA GLU D 273 -0.83 -25.03 4.31
C GLU D 273 -0.16 -24.11 3.31
N LEU D 274 0.13 -24.61 2.11
CA LEU D 274 0.74 -23.79 1.07
C LEU D 274 -0.15 -22.61 0.71
N LEU D 275 -1.47 -22.83 0.62
CA LEU D 275 -2.35 -21.74 0.26
C LEU D 275 -2.35 -20.66 1.32
N ALA D 276 -2.38 -21.06 2.59
CA ALA D 276 -2.40 -20.10 3.71
C ALA D 276 -1.09 -19.32 3.82
N ALA D 277 0.04 -19.97 3.53
CA ALA D 277 1.34 -19.32 3.56
C ALA D 277 1.48 -18.24 2.49
N ASP D 278 0.75 -18.36 1.38
CA ASP D 278 0.69 -17.35 0.34
C ASP D 278 -0.52 -16.41 0.49
N GLY D 279 -1.18 -16.43 1.65
CA GLY D 279 -2.28 -15.53 1.97
C GLY D 279 -3.66 -15.93 1.49
N VAL D 280 -3.84 -17.15 1.02
CA VAL D 280 -5.14 -17.52 0.48
C VAL D 280 -5.96 -18.15 1.60
N PRO D 281 -7.21 -17.72 1.79
CA PRO D 281 -8.09 -18.44 2.73
C PRO D 281 -8.26 -19.88 2.28
N ALA D 282 -8.02 -20.81 3.21
CA ALA D 282 -8.06 -22.24 2.94
C ALA D 282 -8.69 -22.94 4.12
N GLN D 283 -9.78 -23.66 3.86
CA GLN D 283 -10.54 -24.40 4.87
C GLN D 283 -10.38 -25.89 4.61
N VAL D 284 -9.94 -26.64 5.62
CA VAL D 284 -9.71 -28.08 5.49
C VAL D 284 -10.61 -28.85 6.45
N HIS D 285 -11.34 -29.85 5.92
CA HIS D 285 -12.15 -30.77 6.70
C HIS D 285 -11.61 -32.18 6.48
N ASN D 286 -11.39 -32.91 7.57
CA ASN D 286 -10.93 -34.29 7.48
C ASN D 286 -12.09 -35.20 7.86
N ALA D 287 -12.56 -35.97 6.88
CA ALA D 287 -13.53 -37.05 7.07
C ALA D 287 -12.76 -38.23 7.65
N ASP D 288 -12.75 -38.30 8.98
CA ASP D 288 -11.83 -39.18 9.69
C ASP D 288 -12.05 -40.64 9.35
N THR D 289 -13.30 -41.02 9.11
CA THR D 289 -13.72 -42.41 8.98
C THR D 289 -13.98 -42.84 7.55
N LEU D 290 -13.81 -41.95 6.59
CA LEU D 290 -14.19 -42.19 5.21
C LEU D 290 -12.95 -42.49 4.38
N VAL D 291 -13.18 -42.83 3.11
CA VAL D 291 -12.11 -43.23 2.21
C VAL D 291 -12.02 -42.24 1.06
N HIS D 292 -11.04 -42.47 0.20
CA HIS D 292 -10.95 -41.72 -1.05
C HIS D 292 -12.20 -41.97 -1.88
N GLY D 293 -12.64 -40.94 -2.59
CA GLY D 293 -13.80 -41.02 -3.47
C GLY D 293 -15.12 -41.17 -2.76
N TYR D 294 -15.25 -40.65 -1.54
CA TYR D 294 -16.46 -40.91 -0.79
C TYR D 294 -17.66 -40.16 -1.33
N LEU D 295 -17.46 -39.25 -2.30
CA LEU D 295 -18.61 -38.63 -2.94
C LEU D 295 -19.50 -39.67 -3.59
N GLY D 296 -18.93 -40.81 -3.99
CA GLY D 296 -19.68 -41.89 -4.57
C GLY D 296 -20.64 -42.56 -3.61
N TYR D 297 -20.57 -42.22 -2.32
CA TYR D 297 -21.47 -42.74 -1.32
C TYR D 297 -22.47 -41.69 -0.87
N TYR D 298 -22.57 -40.57 -1.58
CA TYR D 298 -23.54 -39.55 -1.25
C TYR D 298 -24.95 -40.13 -1.31
N GLY D 299 -25.70 -39.95 -0.23
CA GLY D 299 -27.01 -40.55 -0.14
C GLY D 299 -27.01 -42.04 0.11
N VAL D 300 -25.86 -42.65 0.38
CA VAL D 300 -25.78 -44.08 0.70
C VAL D 300 -25.20 -44.29 2.08
N VAL D 301 -24.02 -43.71 2.33
CA VAL D 301 -23.35 -43.80 3.62
C VAL D 301 -23.59 -42.47 4.33
N PRO D 302 -24.33 -42.44 5.45
CA PRO D 302 -24.67 -41.14 6.08
C PRO D 302 -23.47 -40.26 6.34
N ALA D 303 -22.38 -40.83 6.85
CA ALA D 303 -21.16 -40.06 7.09
C ALA D 303 -20.61 -39.44 5.80
N ALA D 304 -20.78 -40.12 4.67
CA ALA D 304 -20.33 -39.53 3.42
C ALA D 304 -21.25 -38.39 3.00
N THR D 305 -22.56 -38.60 3.15
CA THR D 305 -23.52 -37.54 2.85
C THR D 305 -23.28 -36.33 3.76
N GLU D 306 -23.03 -36.58 5.05
CA GLU D 306 -22.85 -35.48 5.99
C GLU D 306 -21.58 -34.69 5.67
N ALA D 307 -20.47 -35.38 5.43
CA ALA D 307 -19.23 -34.69 5.07
C ALA D 307 -19.42 -33.85 3.81
N ALA D 308 -20.05 -34.41 2.79
CA ALA D 308 -20.27 -33.65 1.55
C ALA D 308 -21.17 -32.44 1.78
N ASP D 309 -22.23 -32.61 2.61
CA ASP D 309 -23.21 -31.54 2.80
C ASP D 309 -22.58 -30.31 3.42
N LEU D 310 -21.56 -30.53 4.26
CA LEU D 310 -20.77 -29.45 4.86
C LEU D 310 -20.01 -28.66 3.80
N ALA D 311 -19.24 -29.36 2.95
CA ALA D 311 -18.48 -28.67 1.91
C ALA D 311 -19.41 -27.93 0.96
N LEU D 312 -20.55 -28.54 0.63
CA LEU D 312 -21.52 -27.88 -0.23
C LEU D 312 -22.10 -26.64 0.43
N ALA D 313 -22.29 -26.65 1.75
CA ALA D 313 -22.81 -25.48 2.44
C ALA D 313 -21.82 -24.33 2.44
N ALA D 314 -20.55 -24.63 2.75
CA ALA D 314 -19.51 -23.62 2.69
C ALA D 314 -19.43 -23.01 1.30
N LEU D 315 -19.39 -23.86 0.27
CA LEU D 315 -19.33 -23.36 -1.10
C LEU D 315 -20.62 -22.62 -1.48
N ARG D 316 -21.76 -22.97 -0.88
CA ARG D 316 -22.98 -22.20 -1.14
C ARG D 316 -22.86 -20.79 -0.57
N GLY D 317 -22.24 -20.65 0.61
CA GLY D 317 -22.10 -19.32 1.17
C GLY D 317 -21.15 -18.46 0.35
N ALA D 318 -20.03 -19.03 -0.05
CA ALA D 318 -19.06 -18.27 -0.82
C ALA D 318 -19.61 -17.80 -2.19
N LEU D 319 -20.72 -18.34 -2.67
CA LEU D 319 -21.24 -17.94 -3.98
C LEU D 319 -22.55 -17.13 -4.00
#